data_9AXM
#
_entry.id   9AXM
#
_cell.length_a   80.209
_cell.length_b   173.429
_cell.length_c   187.769
_cell.angle_alpha   90.000
_cell.angle_beta   90.000
_cell.angle_gamma   90.000
#
_symmetry.space_group_name_H-M   'C 2 2 21'
#
loop_
_entity.id
_entity.type
_entity.pdbx_description
1 polymer 'Dual specificity mitogen-activated protein kinase kinase 1'
2 polymer 'Serine/threonine-protein kinase A-Raf'
3 non-polymer "N-[3-fluoro-4-({7-[(3-fluoropyridin-2-yl)oxy]-4-methyl-2-oxo-2H-1-benzopyran-3-yl}methyl)pyridin-2-yl]-N'-methylsulfuric diamide"
4 non-polymer 'MAGNESIUM ION'
5 non-polymer 'PHOSPHOAMINOPHOSPHONIC ACID-ADENYLATE ESTER'
6 non-polymer 1,2-ETHANEDIOL
7 non-polymer GLYCEROL
8 water water
#
loop_
_entity_poly.entity_id
_entity_poly.type
_entity_poly.pdbx_seq_one_letter_code
_entity_poly.pdbx_strand_id
1 'polypeptide(L)'
;GLEELELDEQQRKRLEAFLTQKQKVGELKDDDFEKISELGAGNGGVVFKVSHKPSGLVMARKLIHLEIKPAIRNQIIREL
QVLHECNSPYIVGFYGAFYSDGEISICMEHMDGGSLDQVLKKAGRIPEQILGKVSIAVIKGLTYLREKHKIMHRDVKPSN
ILVNSRGEIKLCDFGVSGQLIDAMANAFVGTRSYMSPERLQGTHYSVQSDIWSMGLSLVEMAVGRYPIGSGSGSMAIFEL
LDYIVNEPPPKLPSGVFSLEFQDFVNKCLIKNPAERADLKQLMVHAFIKRSDAEEVDFAGWLCSTIGLNQ
;
A,C
2 'polypeptide(L)'
;GDSGDDWEVPPSEVQLLKRIGTGSFGTVFRGRWHGDVAVKVLKVSQPTAEQAQAFKNEMQVLRKTRHVNILLFMGFMTRP
GFAIITQWCEGSSLYHHLHVADTRFDMVQLIDVARQTAQGMDYLHAKNIIHRDLKSNNIFLHEGLTVKIGDFGLATVKTR
WSGAQPLEQPSGSVLWMAAEVIRMQDPNPYSFQSDVYAYGVVLYELMTGSLPYSHIGCRDQIIFMVGRGYLSPDLSKISS
NCPKAMRRLLSDCLKFQREERPLFPQILATIELLQRSLPK
;
B,D
#
loop_
_chem_comp.id
_chem_comp.type
_chem_comp.name
_chem_comp.formula
A1AHE non-polymer 'N-[3-fluoro-4-({7-[(3-fluoropyridin-2-yl)oxy]-4-methyl-2-oxo-2H-1-benzopyran-3-yl}methyl)pyridin-2-yl]-N'-methylsulfuric diamide' 'C22 H18 F2 N4 O5 S'
ANP non-polymer 'PHOSPHOAMINOPHOSPHONIC ACID-ADENYLATE ESTER' 'C10 H17 N6 O12 P3'
EDO non-polymer 1,2-ETHANEDIOL 'C2 H6 O2'
GOL non-polymer GLYCEROL 'C3 H8 O3'
MG non-polymer 'MAGNESIUM ION' 'Mg 2'
#
# COMPACT_ATOMS: atom_id res chain seq x y z
N GLU A 3 -3.45 14.83 33.23
CA GLU A 3 -2.58 15.82 33.88
C GLU A 3 -1.11 15.51 33.61
N GLU A 4 -0.76 14.23 33.66
CA GLU A 4 0.63 13.80 33.53
C GLU A 4 1.05 13.57 32.08
N LEU A 5 0.20 13.91 31.11
CA LEU A 5 0.62 14.05 29.73
C LEU A 5 0.98 15.49 29.38
N GLU A 6 1.13 16.35 30.39
CA GLU A 6 1.43 17.76 30.19
C GLU A 6 2.94 17.98 30.12
N LEU A 7 3.34 19.04 29.44
CA LEU A 7 4.74 19.37 29.20
C LEU A 7 5.13 20.60 29.99
N ASP A 8 6.36 20.60 30.50
CA ASP A 8 6.89 21.83 31.08
C ASP A 8 7.49 22.70 29.98
N GLU A 9 7.84 23.93 30.36
CA GLU A 9 8.28 24.92 29.37
C GLU A 9 9.50 24.43 28.60
N GLN A 10 10.45 23.80 29.29
CA GLN A 10 11.62 23.25 28.60
C GLN A 10 11.23 22.07 27.71
N GLN A 11 10.31 21.22 28.18
CA GLN A 11 9.84 20.12 27.36
C GLN A 11 9.11 20.63 26.11
N ARG A 12 8.28 21.66 26.27
CA ARG A 12 7.52 22.16 25.12
C ARG A 12 8.40 22.94 24.17
N LYS A 13 9.49 23.53 24.65
CA LYS A 13 10.43 24.19 23.75
C LYS A 13 11.23 23.16 22.95
N ARG A 14 11.62 22.06 23.59
CA ARG A 14 12.39 21.04 22.89
C ARG A 14 11.55 20.29 21.86
N LEU A 15 10.27 20.06 22.17
CA LEU A 15 9.40 19.37 21.21
C LEU A 15 9.16 20.23 19.97
N GLU A 16 8.86 21.52 20.18
CA GLU A 16 8.69 22.41 19.03
C GLU A 16 10.01 22.62 18.30
N ALA A 17 11.14 22.55 19.00
CA ALA A 17 12.43 22.63 18.34
C ALA A 17 12.67 21.42 17.45
N PHE A 18 12.30 20.23 17.93
CA PHE A 18 12.41 19.03 17.11
C PHE A 18 11.48 19.11 15.91
N LEU A 19 10.24 19.55 16.11
CA LEU A 19 9.30 19.67 15.00
C LEU A 19 9.73 20.73 14.00
N THR A 20 10.47 21.74 14.45
CA THR A 20 11.00 22.74 13.53
C THR A 20 12.10 22.14 12.66
N GLN A 21 13.03 21.40 13.28
CA GLN A 21 14.03 20.67 12.51
C GLN A 21 13.39 19.65 11.58
N LYS A 22 12.25 19.10 11.97
CA LYS A 22 11.61 18.03 11.19
C LYS A 22 10.98 18.56 9.91
N GLN A 23 10.50 19.81 9.92
CA GLN A 23 9.83 20.34 8.74
C GLN A 23 10.78 20.48 7.55
N LYS A 24 12.05 20.80 7.81
CA LYS A 24 13.01 21.02 6.75
C LYS A 24 13.60 19.72 6.18
N VAL A 25 13.02 18.57 6.52
CA VAL A 25 13.55 17.28 6.08
C VAL A 25 12.92 16.88 4.76
N GLY A 26 11.64 16.52 4.79
CA GLY A 26 10.93 16.13 3.58
C GLY A 26 11.00 14.65 3.27
N GLU A 27 11.22 14.32 2.01
CA GLU A 27 11.25 12.92 1.57
C GLU A 27 12.65 12.34 1.75
N LEU A 28 12.70 11.08 2.18
CA LEU A 28 13.96 10.41 2.48
C LEU A 28 14.30 9.41 1.38
N LYS A 29 15.58 9.35 1.03
CA LYS A 29 16.09 8.40 0.05
C LYS A 29 17.41 7.86 0.54
N ASP A 30 17.77 6.67 0.03
CA ASP A 30 18.99 6.00 0.49
C ASP A 30 20.22 6.81 0.13
N ASP A 31 20.25 7.40 -1.06
CA ASP A 31 21.44 8.14 -1.52
C ASP A 31 21.68 9.41 -0.72
N ASP A 32 20.71 9.87 0.08
CA ASP A 32 20.89 11.05 0.91
C ASP A 32 21.59 10.76 2.23
N PHE A 33 21.92 9.51 2.51
CA PHE A 33 22.46 9.11 3.81
C PHE A 33 23.91 8.68 3.68
N GLU A 34 24.70 8.99 4.71
CA GLU A 34 26.08 8.54 4.83
C GLU A 34 26.29 8.03 6.25
N LYS A 35 26.90 6.86 6.37
CA LYS A 35 27.04 6.20 7.67
C LYS A 35 28.15 6.86 8.48
N ILE A 36 27.87 7.11 9.75
CA ILE A 36 28.87 7.62 10.69
C ILE A 36 29.45 6.49 11.54
N SER A 37 28.58 5.67 12.13
CA SER A 37 29.02 4.52 12.92
C SER A 37 27.84 3.60 13.13
N GLU A 38 28.14 2.33 13.41
CA GLU A 38 27.13 1.33 13.69
C GLU A 38 26.81 1.34 15.18
N LEU A 39 25.54 1.58 15.51
CA LEU A 39 25.13 1.73 16.90
C LEU A 39 24.80 0.39 17.58
N GLY A 40 24.46 -0.63 16.82
CA GLY A 40 24.14 -1.92 17.39
C GLY A 40 23.24 -2.72 16.47
N ALA A 41 23.00 -3.96 16.90
CA ALA A 41 22.17 -4.89 16.15
C ALA A 41 21.29 -5.68 17.11
N GLY A 42 20.24 -6.27 16.56
CA GLY A 42 19.31 -7.05 17.36
C GLY A 42 18.96 -8.38 16.72
N ASN A 43 17.79 -8.92 17.10
CA ASN A 43 17.37 -10.21 16.55
C ASN A 43 17.15 -10.14 15.05
N GLY A 44 16.65 -9.00 14.57
CA GLY A 44 16.38 -8.87 13.15
C GLY A 44 16.81 -7.56 12.53
N GLY A 45 17.21 -6.60 13.34
CA GLY A 45 17.53 -5.27 12.85
C GLY A 45 18.92 -4.81 13.28
N VAL A 46 19.48 -3.92 12.49
CA VAL A 46 20.76 -3.28 12.76
C VAL A 46 20.57 -1.77 12.65
N VAL A 47 21.20 -1.02 13.56
CA VAL A 47 21.00 0.42 13.68
C VAL A 47 22.30 1.13 13.37
N PHE A 48 22.23 2.16 12.53
CA PHE A 48 23.38 2.96 12.16
C PHE A 48 23.16 4.42 12.55
N LYS A 49 24.23 5.07 12.99
CA LYS A 49 24.22 6.53 13.12
C LYS A 49 24.57 7.11 11.75
N VAL A 50 23.64 7.90 11.19
CA VAL A 50 23.77 8.36 9.81
C VAL A 50 23.61 9.87 9.76
N SER A 51 24.16 10.46 8.71
CA SER A 51 24.02 11.88 8.42
C SER A 51 23.11 12.05 7.21
N HIS A 52 22.04 12.83 7.39
CA HIS A 52 21.15 13.17 6.29
C HIS A 52 21.73 14.39 5.59
N LYS A 53 22.34 14.18 4.43
CA LYS A 53 23.06 15.25 3.74
C LYS A 53 22.19 16.46 3.40
N PRO A 54 20.97 16.31 2.85
CA PRO A 54 20.23 17.52 2.45
C PRO A 54 19.97 18.49 3.59
N SER A 55 19.67 18.00 4.79
CA SER A 55 19.37 18.87 5.91
C SER A 55 20.51 18.99 6.91
N GLY A 56 21.50 18.11 6.87
CA GLY A 56 22.57 18.11 7.83
C GLY A 56 22.21 17.53 9.18
N LEU A 57 21.10 16.81 9.28
CA LEU A 57 20.68 16.21 10.54
C LEU A 57 21.30 14.83 10.73
N VAL A 58 21.66 14.51 11.97
CA VAL A 58 22.09 13.17 12.33
C VAL A 58 20.88 12.39 12.81
N MET A 59 20.69 11.19 12.26
CA MET A 59 19.56 10.34 12.59
C MET A 59 20.07 8.96 12.95
N ALA A 60 19.19 8.17 13.56
CA ALA A 60 19.42 6.75 13.78
C ALA A 60 18.61 5.98 12.74
N ARG A 61 19.29 5.16 11.95
CA ARG A 61 18.67 4.43 10.85
C ARG A 61 18.65 2.94 11.20
N LYS A 62 17.46 2.44 11.51
CA LYS A 62 17.26 1.01 11.76
C LYS A 62 16.88 0.32 10.45
N LEU A 63 17.62 -0.73 10.11
CA LEU A 63 17.37 -1.52 8.91
C LEU A 63 16.82 -2.88 9.31
N ILE A 64 15.62 -3.20 8.82
CA ILE A 64 14.95 -4.46 9.10
C ILE A 64 14.83 -5.23 7.79
N HIS A 65 15.41 -6.42 7.75
CA HIS A 65 15.33 -7.27 6.56
C HIS A 65 14.10 -8.15 6.66
N LEU A 66 13.24 -8.10 5.65
CA LEU A 66 12.01 -8.87 5.62
C LEU A 66 11.76 -9.35 4.20
N GLU A 67 11.51 -10.65 4.04
CA GLU A 67 11.10 -11.22 2.76
C GLU A 67 9.59 -11.34 2.79
N ILE A 68 8.91 -10.31 2.28
CA ILE A 68 7.46 -10.20 2.33
C ILE A 68 6.95 -9.72 0.98
N LYS A 69 5.64 -9.86 0.79
CA LYS A 69 5.01 -9.43 -0.45
C LYS A 69 5.10 -7.91 -0.57
N PRO A 70 5.18 -7.38 -1.79
CA PRO A 70 5.26 -5.92 -1.96
C PRO A 70 4.11 -5.16 -1.31
N ALA A 71 2.90 -5.75 -1.29
CA ALA A 71 1.78 -5.07 -0.66
C ALA A 71 1.96 -4.95 0.85
N ILE A 72 2.43 -6.03 1.50
CA ILE A 72 2.69 -5.98 2.92
C ILE A 72 3.78 -4.98 3.24
N ARG A 73 4.78 -4.88 2.35
CA ARG A 73 5.84 -3.90 2.51
C ARG A 73 5.27 -2.48 2.46
N ASN A 74 4.40 -2.21 1.50
CA ASN A 74 3.79 -0.88 1.39
C ASN A 74 2.89 -0.60 2.58
N GLN A 75 2.20 -1.62 3.10
CA GLN A 75 1.33 -1.41 4.25
C GLN A 75 2.13 -1.12 5.52
N ILE A 76 3.29 -1.77 5.67
CA ILE A 76 4.16 -1.48 6.82
C ILE A 76 4.63 -0.04 6.77
N ILE A 77 5.12 0.40 5.60
CA ILE A 77 5.51 1.80 5.44
C ILE A 77 4.32 2.72 5.69
N ARG A 78 3.12 2.29 5.27
CA ARG A 78 1.94 3.12 5.42
C ARG A 78 1.47 3.19 6.87
N GLU A 79 1.69 2.12 7.64
CA GLU A 79 1.30 2.11 9.05
C GLU A 79 2.31 2.83 9.94
N LEU A 80 3.57 2.95 9.50
CA LEU A 80 4.56 3.67 10.27
C LEU A 80 4.39 5.18 10.20
N GLN A 81 3.54 5.67 9.29
CA GLN A 81 3.28 7.10 9.22
C GLN A 81 2.54 7.61 10.44
N VAL A 82 1.97 6.71 11.24
CA VAL A 82 1.37 7.10 12.52
C VAL A 82 2.40 7.76 13.42
N LEU A 83 3.66 7.33 13.32
CA LEU A 83 4.71 7.87 14.18
C LEU A 83 4.92 9.37 13.98
N HIS A 84 4.45 9.94 12.88
CA HIS A 84 4.49 11.39 12.71
C HIS A 84 3.64 12.08 13.77
N GLU A 85 2.63 11.40 14.31
CA GLU A 85 1.75 11.96 15.31
C GLU A 85 2.15 11.58 16.74
N CYS A 86 3.19 10.76 16.89
CA CYS A 86 3.68 10.36 18.22
C CYS A 86 4.78 11.32 18.65
N ASN A 87 4.35 12.51 19.07
CA ASN A 87 5.26 13.56 19.52
C ASN A 87 5.09 13.72 21.02
N SER A 88 6.08 13.29 21.78
CA SER A 88 6.04 13.32 23.24
C SER A 88 7.47 13.36 23.76
N PRO A 89 7.71 14.06 24.88
CA PRO A 89 9.06 14.07 25.46
C PRO A 89 9.54 12.69 25.90
N TYR A 90 8.65 11.70 25.99
CA TYR A 90 9.01 10.36 26.40
C TYR A 90 8.92 9.35 25.27
N ILE A 91 8.89 9.82 24.03
CA ILE A 91 8.83 8.98 22.84
C ILE A 91 9.88 9.47 21.86
N VAL A 92 10.62 8.53 21.27
CA VAL A 92 11.65 8.88 20.30
C VAL A 92 11.01 9.42 19.03
N GLY A 93 11.60 10.47 18.47
CA GLY A 93 11.07 11.09 17.27
C GLY A 93 11.21 10.20 16.04
N PHE A 94 10.50 10.61 14.99
CA PHE A 94 10.40 9.82 13.77
C PHE A 94 10.51 10.76 12.57
N TYR A 95 11.39 10.41 11.62
CA TYR A 95 11.58 11.22 10.42
C TYR A 95 10.94 10.59 9.18
N GLY A 96 10.97 9.28 9.06
CA GLY A 96 10.41 8.62 7.89
C GLY A 96 10.84 7.18 7.84
N ALA A 97 10.18 6.45 6.93
CA ALA A 97 10.47 5.04 6.70
C ALA A 97 10.36 4.74 5.21
N PHE A 98 11.32 3.98 4.70
CA PHE A 98 11.34 3.65 3.28
C PHE A 98 11.99 2.28 3.08
N TYR A 99 11.73 1.72 1.90
CA TYR A 99 12.20 0.39 1.53
C TYR A 99 13.26 0.50 0.44
N SER A 100 14.33 -0.27 0.58
CA SER A 100 15.43 -0.25 -0.37
C SER A 100 16.36 -1.45 -0.16
N ASP A 101 16.58 -2.22 -1.23
CA ASP A 101 17.48 -3.36 -1.23
C ASP A 101 17.04 -4.42 -0.22
N GLY A 102 15.74 -4.73 -0.24
CA GLY A 102 15.20 -5.72 0.67
C GLY A 102 15.20 -5.31 2.13
N GLU A 103 15.45 -4.04 2.43
CA GLU A 103 15.54 -3.54 3.80
C GLU A 103 14.53 -2.42 3.99
N ILE A 104 13.64 -2.59 4.96
CA ILE A 104 12.80 -1.48 5.42
C ILE A 104 13.62 -0.63 6.37
N SER A 105 13.85 0.62 5.99
CA SER A 105 14.68 1.54 6.76
C SER A 105 13.80 2.48 7.56
N ILE A 106 14.02 2.53 8.87
CA ILE A 106 13.26 3.39 9.77
C ILE A 106 14.23 4.43 10.33
N CYS A 107 14.03 5.69 9.94
CA CYS A 107 14.89 6.79 10.35
C CYS A 107 14.21 7.53 11.50
N MET A 108 14.92 7.66 12.62
CA MET A 108 14.35 8.18 13.85
C MET A 108 15.32 9.14 14.51
N GLU A 109 14.89 9.71 15.64
CA GLU A 109 15.73 10.64 16.39
C GLU A 109 16.93 9.92 16.98
N HIS A 110 18.11 10.51 16.80
CA HIS A 110 19.34 9.95 17.35
C HIS A 110 19.47 10.33 18.82
N MET A 111 19.80 9.35 19.65
CA MET A 111 19.98 9.55 21.09
C MET A 111 21.44 9.25 21.42
N ASP A 112 22.21 10.32 21.68
CA ASP A 112 23.65 10.18 21.84
C ASP A 112 24.06 9.47 23.12
N GLY A 113 23.10 9.18 24.01
CA GLY A 113 23.42 8.44 25.22
C GLY A 113 23.24 6.95 25.05
N GLY A 114 22.54 6.55 23.99
CA GLY A 114 22.31 5.14 23.74
C GLY A 114 21.17 4.58 24.57
N SER A 115 21.17 3.26 24.70
CA SER A 115 20.16 2.56 25.49
C SER A 115 20.67 2.31 26.91
N LEU A 116 19.72 2.14 27.82
CA LEU A 116 20.09 1.84 29.20
C LEU A 116 20.72 0.46 29.34
N ASP A 117 20.52 -0.43 28.37
CA ASP A 117 21.26 -1.68 28.37
C ASP A 117 22.75 -1.46 28.12
N GLN A 118 23.10 -0.43 27.33
CA GLN A 118 24.49 -0.04 27.17
C GLN A 118 25.00 0.72 28.39
N VAL A 119 24.16 1.59 28.95
CA VAL A 119 24.55 2.34 30.14
C VAL A 119 24.79 1.40 31.31
N LEU A 120 23.93 0.39 31.46
CA LEU A 120 24.06 -0.55 32.57
C LEU A 120 25.39 -1.28 32.52
N LYS A 121 25.82 -1.67 31.31
CA LYS A 121 27.12 -2.34 31.18
C LYS A 121 28.27 -1.43 31.60
N LYS A 122 28.14 -0.12 31.36
CA LYS A 122 29.15 0.82 31.83
C LYS A 122 29.02 1.06 33.33
N ALA A 123 27.80 1.38 33.80
CA ALA A 123 27.60 1.73 35.19
C ALA A 123 27.68 0.53 36.12
N GLY A 124 27.44 -0.68 35.61
CA GLY A 124 27.33 -1.84 36.48
C GLY A 124 25.96 -1.90 37.12
N ARG A 125 25.61 -0.84 37.85
CA ARG A 125 24.28 -0.70 38.44
C ARG A 125 23.82 0.74 38.25
N ILE A 126 22.54 0.91 37.94
CA ILE A 126 21.96 2.24 37.76
C ILE A 126 21.34 2.66 39.09
N PRO A 127 21.68 3.84 39.62
CA PRO A 127 21.20 4.23 40.94
C PRO A 127 19.69 4.35 41.00
N GLU A 128 19.17 4.24 42.23
CA GLU A 128 17.72 4.24 42.43
C GLU A 128 17.11 5.58 42.04
N GLN A 129 17.78 6.68 42.38
CA GLN A 129 17.29 8.00 41.98
C GLN A 129 17.19 8.13 40.47
N ILE A 130 18.16 7.57 39.76
CA ILE A 130 18.10 7.56 38.30
C ILE A 130 16.96 6.68 37.82
N LEU A 131 16.78 5.52 38.45
CA LEU A 131 15.69 4.62 38.07
C LEU A 131 14.32 5.20 38.39
N GLY A 132 14.24 6.13 39.34
CA GLY A 132 12.98 6.81 39.59
C GLY A 132 12.56 7.68 38.43
N LYS A 133 13.51 8.46 37.90
CA LYS A 133 13.24 9.25 36.69
C LYS A 133 12.99 8.35 35.49
N VAL A 134 13.64 7.18 35.45
CA VAL A 134 13.36 6.22 34.38
C VAL A 134 11.94 5.68 34.50
N SER A 135 11.54 5.29 35.72
CA SER A 135 10.19 4.77 35.93
C SER A 135 9.13 5.80 35.56
N ILE A 136 9.40 7.08 35.80
CA ILE A 136 8.44 8.12 35.45
C ILE A 136 8.28 8.23 33.93
N ALA A 137 9.41 8.26 33.21
CA ALA A 137 9.36 8.43 31.76
C ALA A 137 8.68 7.25 31.07
N VAL A 138 8.86 6.04 31.59
CA VAL A 138 8.19 4.88 31.01
C VAL A 138 6.70 4.95 31.24
N ILE A 139 6.28 5.29 32.46
CA ILE A 139 4.85 5.38 32.77
C ILE A 139 4.19 6.46 31.94
N LYS A 140 4.83 7.64 31.85
CA LYS A 140 4.27 8.71 31.03
C LYS A 140 4.33 8.36 29.55
N GLY A 141 5.36 7.65 29.12
CA GLY A 141 5.46 7.25 27.73
C GLY A 141 4.39 6.26 27.34
N LEU A 142 4.15 5.25 28.19
CA LEU A 142 3.09 4.29 27.92
C LEU A 142 1.72 4.96 27.95
N THR A 143 1.51 5.87 28.91
CA THR A 143 0.23 6.57 29.00
C THR A 143 -0.04 7.39 27.74
N TYR A 144 0.99 8.05 27.21
CA TYR A 144 0.81 8.81 25.97
C TYR A 144 0.42 7.89 24.82
N LEU A 145 1.05 6.73 24.72
CA LEU A 145 0.71 5.79 23.66
C LEU A 145 -0.72 5.29 23.79
N ARG A 146 -1.17 5.05 25.03
CA ARG A 146 -2.50 4.48 25.24
C ARG A 146 -3.59 5.55 25.14
N GLU A 147 -3.32 6.76 25.64
CA GLU A 147 -4.35 7.79 25.63
C GLU A 147 -4.45 8.48 24.27
N LYS A 148 -3.30 8.86 23.70
CA LYS A 148 -3.28 9.66 22.49
C LYS A 148 -3.39 8.83 21.21
N HIS A 149 -3.03 7.55 21.25
CA HIS A 149 -3.08 6.72 20.06
C HIS A 149 -3.64 5.32 20.32
N LYS A 150 -3.96 4.97 21.57
CA LYS A 150 -4.43 3.63 21.94
C LYS A 150 -3.49 2.56 21.39
N ILE A 151 -2.20 2.75 21.63
CA ILE A 151 -1.14 1.86 21.16
C ILE A 151 -0.45 1.26 22.37
N MET A 152 -0.22 -0.05 22.32
CA MET A 152 0.55 -0.76 23.32
C MET A 152 2.01 -0.90 22.86
N HIS A 153 2.93 -1.00 23.83
CA HIS A 153 4.34 -1.02 23.48
C HIS A 153 4.78 -2.40 23.01
N ARG A 154 4.54 -3.43 23.82
CA ARG A 154 4.80 -4.84 23.51
C ARG A 154 6.28 -5.19 23.49
N ASP A 155 7.17 -4.25 23.82
CA ASP A 155 8.60 -4.57 23.81
C ASP A 155 9.40 -3.66 24.73
N VAL A 156 8.93 -3.47 25.96
CA VAL A 156 9.62 -2.65 26.95
C VAL A 156 10.79 -3.46 27.51
N LYS A 157 11.98 -2.92 27.37
CA LYS A 157 13.18 -3.53 27.94
C LYS A 157 14.30 -2.48 27.89
N PRO A 158 15.39 -2.70 28.62
CA PRO A 158 16.45 -1.67 28.67
C PRO A 158 16.98 -1.24 27.32
N SER A 159 17.08 -2.15 26.34
CA SER A 159 17.60 -1.77 25.05
C SER A 159 16.67 -0.84 24.29
N ASN A 160 15.40 -0.73 24.72
CA ASN A 160 14.44 0.16 24.08
C ASN A 160 14.09 1.36 24.95
N ILE A 161 14.92 1.66 25.95
CA ILE A 161 14.82 2.88 26.73
C ILE A 161 16.06 3.71 26.42
N LEU A 162 15.89 4.78 25.66
CA LEU A 162 17.00 5.57 25.17
C LEU A 162 17.14 6.87 25.97
N VAL A 163 18.38 7.33 26.11
CA VAL A 163 18.70 8.55 26.82
C VAL A 163 19.62 9.40 25.96
N ASN A 164 19.71 10.69 26.29
CA ASN A 164 20.58 11.60 25.57
C ASN A 164 21.23 12.58 26.54
N SER A 165 22.17 13.37 26.01
CA SER A 165 22.97 14.27 26.83
C SER A 165 22.15 15.39 27.44
N ARG A 166 20.97 15.70 26.89
CA ARG A 166 20.09 16.69 27.49
C ARG A 166 19.28 16.14 28.65
N GLY A 167 19.49 14.89 29.03
CA GLY A 167 18.78 14.29 30.14
C GLY A 167 17.43 13.71 29.79
N GLU A 168 17.08 13.62 28.51
CA GLU A 168 15.79 13.09 28.11
C GLU A 168 15.80 11.57 28.16
N ILE A 169 14.66 11.00 28.56
CA ILE A 169 14.46 9.55 28.62
C ILE A 169 13.25 9.23 27.75
N LYS A 170 13.47 8.44 26.70
CA LYS A 170 12.43 8.21 25.69
C LYS A 170 12.31 6.73 25.38
N LEU A 171 11.15 6.36 24.85
CA LEU A 171 10.83 4.99 24.47
C LEU A 171 10.89 4.83 22.96
N CYS A 172 11.26 3.63 22.52
N CYS A 172 11.24 3.62 22.53
CA CYS A 172 11.33 3.31 21.10
CA CYS A 172 11.35 3.31 21.11
C CYS A 172 10.96 1.86 20.89
C CYS A 172 10.98 1.86 20.88
N ASP A 173 10.80 1.50 19.61
CA ASP A 173 10.52 0.12 19.20
C ASP A 173 9.23 -0.42 19.83
N PHE A 174 8.13 0.28 19.59
CA PHE A 174 6.82 -0.19 20.04
C PHE A 174 5.95 -0.54 18.84
N GLY A 175 4.94 -1.37 19.10
CA GLY A 175 4.10 -1.91 18.05
C GLY A 175 3.15 -0.92 17.42
N VAL A 176 3.66 -0.08 16.52
CA VAL A 176 2.82 0.86 15.79
C VAL A 176 2.24 0.21 14.53
N SER A 177 2.98 -0.72 13.91
CA SER A 177 2.54 -1.42 12.71
C SER A 177 2.24 -2.87 13.06
N GLY A 178 0.97 -3.26 12.96
CA GLY A 178 0.60 -4.63 13.22
C GLY A 178 1.19 -5.62 12.23
N GLN A 179 1.38 -5.18 10.98
CA GLN A 179 2.01 -6.05 9.98
C GLN A 179 3.48 -6.27 10.30
N LEU A 180 4.18 -5.22 10.73
CA LEU A 180 5.58 -5.38 11.12
C LEU A 180 5.72 -6.30 12.33
N ILE A 181 4.72 -6.30 13.22
CA ILE A 181 4.73 -7.24 14.34
C ILE A 181 4.61 -8.67 13.83
N ASP A 182 3.71 -8.90 12.87
CA ASP A 182 3.53 -10.24 12.32
C ASP A 182 4.75 -10.67 11.51
N ALA A 183 5.26 -9.78 10.67
CA ALA A 183 6.40 -10.14 9.82
C ALA A 183 7.67 -10.40 10.62
N MET A 184 7.79 -9.78 11.79
CA MET A 184 8.94 -10.01 12.66
C MET A 184 8.70 -11.14 13.66
N ALA A 185 7.56 -11.82 13.59
CA ALA A 185 7.35 -13.00 14.42
C ALA A 185 8.16 -14.18 13.90
N ASN A 186 8.30 -14.29 12.58
CA ASN A 186 9.21 -15.27 11.96
C ASN A 186 10.64 -14.81 12.25
N ALA A 187 11.10 -15.12 13.46
CA ALA A 187 12.39 -14.67 13.95
C ALA A 187 13.24 -15.87 14.34
N PHE A 188 14.42 -15.58 14.87
CA PHE A 188 15.31 -16.58 15.43
C PHE A 188 15.18 -16.57 16.95
N VAL A 189 15.55 -17.70 17.56
CA VAL A 189 15.43 -17.83 19.01
C VAL A 189 16.27 -16.75 19.69
N GLY A 190 15.69 -16.11 20.70
CA GLY A 190 16.38 -15.12 21.49
C GLY A 190 17.18 -15.75 22.63
N THR A 191 17.74 -14.88 23.45
CA THR A 191 18.48 -15.31 24.64
C THR A 191 17.83 -14.88 25.94
N ARG A 192 16.96 -13.86 25.91
CA ARG A 192 16.28 -13.37 27.09
C ARG A 192 14.82 -13.11 26.75
N SER A 193 14.06 -12.75 27.77
CA SER A 193 12.67 -12.35 27.57
C SER A 193 12.25 -11.47 28.73
N TYR A 194 11.58 -10.36 28.42
CA TYR A 194 10.94 -9.50 29.41
C TYR A 194 9.43 -9.60 29.29
N MET A 195 8.95 -10.76 28.86
CA MET A 195 7.56 -10.98 28.52
C MET A 195 6.78 -11.43 29.75
N SER A 196 5.54 -10.93 29.86
CA SER A 196 4.70 -11.28 30.98
C SER A 196 4.22 -12.73 30.85
N PRO A 197 4.02 -13.43 31.97
CA PRO A 197 3.56 -14.82 31.89
C PRO A 197 2.19 -14.97 31.26
N GLU A 198 1.31 -13.98 31.42
CA GLU A 198 0.00 -14.06 30.77
C GLU A 198 0.12 -13.99 29.25
N ARG A 199 1.11 -13.25 28.74
CA ARG A 199 1.33 -13.19 27.30
C ARG A 199 2.04 -14.43 26.78
N LEU A 200 2.99 -14.95 27.56
CA LEU A 200 3.64 -16.22 27.22
C LEU A 200 2.67 -17.39 27.18
N GLN A 201 1.42 -17.18 27.59
CA GLN A 201 0.40 -18.23 27.62
C GLN A 201 -0.72 -18.01 26.61
N GLY A 202 -1.14 -16.77 26.38
CA GLY A 202 -2.04 -16.51 25.27
C GLY A 202 -3.12 -15.47 25.42
N THR A 203 -3.02 -14.60 26.43
CA THR A 203 -4.06 -13.60 26.63
C THR A 203 -3.99 -12.51 25.57
N HIS A 204 -5.12 -11.85 25.35
CA HIS A 204 -5.16 -10.68 24.48
C HIS A 204 -4.31 -9.57 25.10
N TYR A 205 -3.69 -8.78 24.23
CA TYR A 205 -2.62 -7.89 24.69
C TYR A 205 -3.17 -6.70 25.45
N SER A 206 -2.47 -6.34 26.53
CA SER A 206 -2.89 -5.27 27.42
C SER A 206 -1.64 -4.62 28.02
N VAL A 207 -1.78 -3.35 28.41
CA VAL A 207 -0.64 -2.58 28.90
C VAL A 207 -0.07 -3.16 30.18
N GLN A 208 -0.84 -3.97 30.91
CA GLN A 208 -0.31 -4.63 32.10
C GLN A 208 0.91 -5.48 31.78
N SER A 209 0.98 -6.02 30.56
CA SER A 209 2.17 -6.76 30.14
C SER A 209 3.39 -5.85 30.08
N ASP A 210 3.21 -4.62 29.56
CA ASP A 210 4.32 -3.67 29.52
C ASP A 210 4.75 -3.26 30.92
N ILE A 211 3.80 -3.17 31.84
CA ILE A 211 4.13 -2.81 33.22
C ILE A 211 5.00 -3.90 33.85
N TRP A 212 4.68 -5.17 33.56
CA TRP A 212 5.54 -6.26 34.00
C TRP A 212 6.94 -6.14 33.39
N SER A 213 7.00 -5.83 32.09
CA SER A 213 8.30 -5.70 31.43
C SER A 213 9.11 -4.55 32.00
N MET A 214 8.43 -3.48 32.44
CA MET A 214 9.14 -2.37 33.07
C MET A 214 9.71 -2.80 34.42
N GLY A 215 8.90 -3.48 35.24
CA GLY A 215 9.38 -3.91 36.54
C GLY A 215 10.55 -4.88 36.44
N LEU A 216 10.48 -5.80 35.48
CA LEU A 216 11.60 -6.71 35.26
C LEU A 216 12.84 -5.96 34.81
N SER A 217 12.66 -4.91 34.00
CA SER A 217 13.79 -4.09 33.58
C SER A 217 14.38 -3.31 34.75
N LEU A 218 13.51 -2.77 35.62
CA LEU A 218 13.98 -2.00 36.78
C LEU A 218 14.84 -2.87 37.68
N VAL A 219 14.45 -4.13 37.89
CA VAL A 219 15.23 -5.03 38.74
C VAL A 219 16.59 -5.30 38.12
N GLU A 220 16.63 -5.52 36.80
CA GLU A 220 17.91 -5.79 36.13
C GLU A 220 18.85 -4.60 36.23
N MET A 221 18.34 -3.39 35.96
CA MET A 221 19.18 -2.21 36.02
C MET A 221 19.54 -1.82 37.45
N ALA A 222 18.81 -2.32 38.45
CA ALA A 222 19.11 -1.98 39.83
C ALA A 222 20.19 -2.87 40.42
N VAL A 223 20.25 -4.14 40.02
CA VAL A 223 21.27 -5.06 40.52
C VAL A 223 22.33 -5.40 39.47
N GLY A 224 22.16 -4.94 38.23
CA GLY A 224 23.16 -5.21 37.21
C GLY A 224 23.24 -6.65 36.76
N ARG A 225 22.12 -7.36 36.78
CA ARG A 225 22.09 -8.76 36.36
C ARG A 225 20.68 -9.11 35.94
N TYR A 226 20.56 -9.83 34.82
CA TYR A 226 19.27 -10.35 34.37
C TYR A 226 18.72 -11.28 35.43
N PRO A 227 17.60 -10.91 36.07
CA PRO A 227 17.20 -11.60 37.31
C PRO A 227 16.46 -12.91 37.11
N ILE A 228 15.94 -13.18 35.92
CA ILE A 228 15.16 -14.39 35.67
C ILE A 228 16.10 -15.50 35.21
N GLY A 229 15.93 -16.69 35.79
CA GLY A 229 16.75 -17.83 35.49
C GLY A 229 17.67 -18.19 36.64
N SER A 230 18.78 -18.83 36.29
CA SER A 230 19.79 -19.23 37.25
C SER A 230 21.14 -19.28 36.55
N GLY A 231 22.14 -18.67 37.19
CA GLY A 231 23.48 -18.63 36.65
C GLY A 231 23.59 -17.71 35.44
N SER A 234 24.05 -20.47 33.29
CA SER A 234 23.18 -19.82 32.32
C SER A 234 22.00 -20.73 31.96
N MET A 235 21.01 -20.17 31.25
CA MET A 235 19.86 -20.92 30.79
C MET A 235 19.52 -20.48 29.38
N ALA A 236 18.70 -21.29 28.72
CA ALA A 236 18.24 -21.02 27.36
C ALA A 236 16.86 -20.37 27.40
N ILE A 237 16.44 -19.88 26.23
CA ILE A 237 15.24 -19.04 26.16
C ILE A 237 14.03 -19.78 26.71
N PHE A 238 13.88 -21.06 26.38
CA PHE A 238 12.70 -21.81 26.82
C PHE A 238 12.68 -21.95 28.34
N GLU A 239 13.81 -22.32 28.93
CA GLU A 239 13.87 -22.46 30.38
C GLU A 239 13.58 -21.14 31.07
N LEU A 240 14.06 -20.03 30.49
CA LEU A 240 13.72 -18.71 31.02
C LEU A 240 12.23 -18.43 30.85
N LEU A 241 11.66 -18.78 29.69
CA LEU A 241 10.22 -18.66 29.50
C LEU A 241 9.44 -19.55 30.46
N ASP A 242 10.04 -20.64 30.94
CA ASP A 242 9.38 -21.50 31.91
C ASP A 242 9.28 -20.81 33.27
N TYR A 243 10.39 -20.22 33.73
CA TYR A 243 10.42 -19.48 34.99
C TYR A 243 9.31 -18.44 35.06
N ILE A 244 9.24 -17.59 34.04
CA ILE A 244 8.28 -16.48 34.03
C ILE A 244 6.86 -16.98 34.26
N VAL A 245 6.51 -18.11 33.66
CA VAL A 245 5.15 -18.60 33.73
C VAL A 245 4.89 -19.34 35.04
N ASN A 246 5.86 -20.12 35.51
CA ASN A 246 5.66 -21.00 36.66
C ASN A 246 6.27 -20.46 37.94
N GLU A 247 7.56 -20.12 37.92
CA GLU A 247 8.25 -19.71 39.13
C GLU A 247 7.78 -18.33 39.59
N PRO A 248 7.95 -18.01 40.87
CA PRO A 248 7.48 -16.71 41.39
C PRO A 248 8.28 -15.57 40.81
N PRO A 249 7.73 -14.35 40.83
CA PRO A 249 8.41 -13.22 40.19
C PRO A 249 9.63 -12.78 40.99
N PRO A 250 10.60 -12.14 40.34
CA PRO A 250 11.79 -11.67 41.04
C PRO A 250 11.51 -10.40 41.84
N LYS A 251 12.46 -10.07 42.71
CA LYS A 251 12.32 -8.92 43.58
C LYS A 251 13.69 -8.32 43.87
N LEU A 252 13.70 -7.02 44.18
CA LEU A 252 14.92 -6.35 44.57
C LEU A 252 15.38 -6.84 45.94
N PRO A 253 16.68 -6.80 46.21
CA PRO A 253 17.15 -7.10 47.57
C PRO A 253 16.60 -6.08 48.56
N SER A 254 16.54 -6.50 49.82
CA SER A 254 15.83 -5.71 50.82
C SER A 254 16.69 -4.64 51.46
N GLY A 255 18.00 -4.90 51.58
CA GLY A 255 18.83 -4.04 52.41
C GLY A 255 19.01 -2.64 51.85
N VAL A 256 19.43 -2.55 50.59
CA VAL A 256 19.93 -1.28 50.07
C VAL A 256 18.79 -0.43 49.52
N PHE A 257 17.86 -1.03 48.78
CA PHE A 257 16.85 -0.25 48.09
C PHE A 257 15.70 0.11 49.02
N SER A 258 15.07 1.24 48.74
CA SER A 258 14.03 1.77 49.61
C SER A 258 12.77 0.91 49.54
N LEU A 259 12.03 0.88 50.66
CA LEU A 259 10.76 0.17 50.70
C LEU A 259 9.80 0.68 49.63
N GLU A 260 9.84 1.97 49.33
CA GLU A 260 9.01 2.52 48.27
C GLU A 260 9.38 1.90 46.92
N PHE A 261 10.67 1.84 46.62
CA PHE A 261 11.12 1.24 45.36
C PHE A 261 10.82 -0.26 45.34
N GLN A 262 11.01 -0.93 46.48
CA GLN A 262 10.72 -2.36 46.54
C GLN A 262 9.25 -2.64 46.28
N ASP A 263 8.36 -1.86 46.90
CA ASP A 263 6.93 -2.05 46.69
C ASP A 263 6.51 -1.64 45.28
N PHE A 264 7.26 -0.75 44.63
CA PHE A 264 6.90 -0.32 43.29
C PHE A 264 7.09 -1.44 42.27
N VAL A 265 8.20 -2.18 42.37
CA VAL A 265 8.45 -3.25 41.40
C VAL A 265 7.57 -4.46 41.69
N ASN A 266 7.20 -4.66 42.95
CA ASN A 266 6.35 -5.81 43.29
C ASN A 266 4.95 -5.65 42.72
N LYS A 267 4.40 -4.43 42.75
CA LYS A 267 3.11 -4.18 42.12
C LYS A 267 3.19 -4.27 40.61
N CYS A 268 4.37 -4.06 40.03
CA CYS A 268 4.55 -4.25 38.59
C CYS A 268 4.80 -5.70 38.22
N LEU A 269 5.24 -6.53 39.17
CA LEU A 269 5.59 -7.91 38.91
C LEU A 269 4.58 -8.90 39.47
N ILE A 270 3.39 -8.43 39.86
CA ILE A 270 2.31 -9.35 40.19
C ILE A 270 1.94 -10.13 38.95
N LYS A 271 1.91 -11.45 39.06
CA LYS A 271 1.76 -12.29 37.87
C LYS A 271 0.34 -12.28 37.32
N ASN A 272 -0.66 -11.94 38.13
CA ASN A 272 -2.02 -11.81 37.63
C ASN A 272 -2.25 -10.39 37.14
N PRO A 273 -2.60 -10.18 35.87
CA PRO A 273 -2.70 -8.81 35.36
C PRO A 273 -3.85 -8.01 35.96
N ALA A 274 -4.83 -8.67 36.58
CA ALA A 274 -5.95 -7.94 37.16
C ALA A 274 -5.58 -7.33 38.51
N GLU A 275 -4.78 -8.05 39.31
CA GLU A 275 -4.28 -7.51 40.56
C GLU A 275 -3.06 -6.63 40.37
N ARG A 276 -2.35 -6.79 39.25
CA ARG A 276 -1.20 -5.95 38.95
C ARG A 276 -1.64 -4.50 38.81
N ALA A 277 -0.75 -3.59 39.21
CA ALA A 277 -1.05 -2.17 39.15
C ALA A 277 -1.16 -1.70 37.70
N ASP A 278 -2.05 -0.74 37.48
CA ASP A 278 -2.20 -0.10 36.18
C ASP A 278 -1.40 1.20 36.15
N LEU A 279 -1.50 1.92 35.03
CA LEU A 279 -0.71 3.12 34.84
C LEU A 279 -1.21 4.30 35.67
N LYS A 280 -2.40 4.21 36.25
CA LYS A 280 -2.90 5.27 37.13
C LYS A 280 -2.42 5.08 38.56
N GLN A 281 -2.40 3.84 39.05
CA GLN A 281 -1.95 3.58 40.42
C GLN A 281 -0.46 3.88 40.58
N LEU A 282 0.35 3.42 39.63
CA LEU A 282 1.79 3.63 39.72
C LEU A 282 2.14 5.11 39.61
N MET A 283 1.35 5.89 38.86
CA MET A 283 1.60 7.32 38.76
C MET A 283 1.49 8.01 40.10
N VAL A 284 0.61 7.53 40.97
CA VAL A 284 0.40 8.13 42.29
C VAL A 284 0.98 7.22 43.37
N HIS A 285 2.03 6.49 43.02
CA HIS A 285 2.73 5.65 43.98
C HIS A 285 3.81 6.44 44.70
N ALA A 286 4.22 5.94 45.87
CA ALA A 286 5.18 6.65 46.70
C ALA A 286 6.50 6.86 45.98
N PHE A 287 7.01 5.80 45.34
CA PHE A 287 8.30 5.90 44.65
C PHE A 287 8.24 6.95 43.54
N ILE A 288 7.17 6.95 42.75
CA ILE A 288 7.03 7.92 41.67
C ILE A 288 6.81 9.32 42.22
N LYS A 289 5.96 9.44 43.24
CA LYS A 289 5.71 10.75 43.84
C LYS A 289 6.97 11.30 44.51
N ARG A 290 7.72 10.43 45.19
CA ARG A 290 8.99 10.85 45.78
C ARG A 290 10.01 11.23 44.70
N SER A 291 10.12 10.40 43.66
CA SER A 291 11.12 10.64 42.63
C SER A 291 10.83 11.90 41.83
N ASP A 292 9.55 12.15 41.52
CA ASP A 292 9.21 13.34 40.74
C ASP A 292 9.53 14.62 41.50
N ALA A 293 9.53 14.57 42.83
CA ALA A 293 9.88 15.74 43.63
C ALA A 293 11.39 15.89 43.77
N GLU A 294 12.13 14.78 43.79
CA GLU A 294 13.58 14.84 43.91
C GLU A 294 14.19 15.60 42.74
N GLU A 295 15.26 16.34 43.03
CA GLU A 295 16.00 17.08 42.01
C GLU A 295 17.24 16.26 41.67
N VAL A 296 17.19 15.56 40.54
CA VAL A 296 18.27 14.68 40.10
C VAL A 296 18.84 15.23 38.81
N ASP A 297 20.15 15.47 38.79
CA ASP A 297 20.86 15.93 37.60
C ASP A 297 21.19 14.71 36.74
N PHE A 298 20.25 14.32 35.89
CA PHE A 298 20.45 13.13 35.07
C PHE A 298 21.41 13.39 33.91
N ALA A 299 21.33 14.59 33.31
CA ALA A 299 22.25 14.92 32.23
C ALA A 299 23.69 14.91 32.71
N GLY A 300 23.93 15.40 33.93
CA GLY A 300 25.28 15.38 34.47
C GLY A 300 25.77 13.97 34.76
N TRP A 301 24.92 13.13 35.35
CA TRP A 301 25.30 11.76 35.64
C TRP A 301 25.61 11.00 34.36
N LEU A 302 24.87 11.26 33.29
CA LEU A 302 25.11 10.55 32.04
C LEU A 302 26.39 11.04 31.37
N CYS A 303 26.58 12.35 31.30
CA CYS A 303 27.72 12.90 30.58
C CYS A 303 29.01 12.77 31.38
N SER A 304 28.94 12.96 32.70
CA SER A 304 30.15 13.02 33.51
C SER A 304 30.50 11.67 34.15
N THR A 305 29.52 10.95 34.67
CA THR A 305 29.81 9.71 35.38
C THR A 305 29.87 8.49 34.47
N ILE A 306 29.08 8.47 33.41
CA ILE A 306 28.99 7.31 32.53
C ILE A 306 29.66 7.56 31.18
N GLY A 307 29.42 8.73 30.59
CA GLY A 307 29.87 9.01 29.23
C GLY A 307 28.74 8.84 28.24
N LEU A 308 29.05 9.10 26.97
CA LEU A 308 28.07 9.07 25.91
C LEU A 308 28.44 8.02 24.86
N ASN A 309 27.41 7.41 24.28
CA ASN A 309 27.56 6.48 23.17
C ASN A 309 26.21 6.28 22.48
N ASP B 6 42.36 -31.64 -3.16
CA ASP B 6 42.12 -30.61 -2.16
C ASP B 6 41.18 -29.54 -2.70
N TRP B 7 40.43 -28.90 -1.80
CA TRP B 7 39.35 -28.00 -2.21
C TRP B 7 39.54 -26.57 -1.73
N GLU B 8 40.71 -26.24 -1.17
CA GLU B 8 40.97 -24.86 -0.81
C GLU B 8 41.23 -24.04 -2.06
N VAL B 9 40.70 -22.81 -2.09
CA VAL B 9 40.79 -21.93 -3.24
C VAL B 9 41.54 -20.67 -2.80
N PRO B 10 42.57 -20.25 -3.51
CA PRO B 10 43.23 -18.98 -3.19
C PRO B 10 42.28 -17.82 -3.38
N PRO B 11 42.20 -16.91 -2.40
CA PRO B 11 41.27 -15.77 -2.55
C PRO B 11 41.57 -14.88 -3.74
N SER B 12 42.77 -14.94 -4.29
CA SER B 12 43.08 -14.15 -5.48
C SER B 12 42.30 -14.62 -6.71
N GLU B 13 41.94 -15.91 -6.74
CA GLU B 13 41.21 -16.46 -7.88
C GLU B 13 39.73 -16.10 -7.88
N VAL B 14 39.21 -15.56 -6.78
CA VAL B 14 37.77 -15.31 -6.63
C VAL B 14 37.54 -13.80 -6.62
N GLN B 15 36.61 -13.36 -7.44
CA GLN B 15 36.15 -11.97 -7.45
C GLN B 15 34.75 -11.90 -6.84
N LEU B 16 34.59 -11.08 -5.82
CA LEU B 16 33.30 -10.86 -5.18
C LEU B 16 32.58 -9.71 -5.87
N LEU B 17 31.29 -9.89 -6.11
CA LEU B 17 30.45 -8.93 -6.81
C LEU B 17 29.38 -8.44 -5.85
N LYS B 18 28.09 -8.45 -6.21
CA LYS B 18 27.07 -7.85 -5.36
C LYS B 18 26.80 -8.70 -4.11
N ARG B 19 26.66 -8.03 -2.98
CA ARG B 19 26.14 -8.70 -1.80
C ARG B 19 24.68 -9.09 -2.03
N ILE B 20 24.32 -10.31 -1.63
CA ILE B 20 22.98 -10.84 -1.82
C ILE B 20 22.17 -10.77 -0.53
N GLY B 21 22.80 -10.99 0.62
CA GLY B 21 22.09 -10.93 1.87
C GLY B 21 22.92 -11.53 2.99
N THR B 22 22.44 -11.31 4.21
CA THR B 22 23.11 -11.80 5.41
C THR B 22 22.18 -12.76 6.14
N GLY B 23 22.63 -14.00 6.35
CA GLY B 23 21.89 -14.98 7.08
C GLY B 23 22.40 -15.15 8.50
N SER B 24 22.09 -16.32 9.08
CA SER B 24 22.53 -16.60 10.44
C SER B 24 24.00 -16.99 10.49
N PHE B 25 24.54 -17.55 9.40
CA PHE B 25 25.92 -18.00 9.37
C PHE B 25 26.87 -16.95 8.82
N GLY B 26 26.46 -16.21 7.80
CA GLY B 26 27.33 -15.22 7.22
C GLY B 26 26.64 -14.45 6.12
N THR B 27 27.44 -13.80 5.29
CA THR B 27 26.95 -12.95 4.20
C THR B 27 27.26 -13.62 2.86
N VAL B 28 26.27 -13.67 1.99
CA VAL B 28 26.40 -14.31 0.68
C VAL B 28 26.65 -13.25 -0.38
N PHE B 29 27.67 -13.47 -1.19
CA PHE B 29 27.95 -12.63 -2.35
C PHE B 29 27.84 -13.48 -3.61
N ARG B 30 27.35 -12.88 -4.68
CA ARG B 30 27.51 -13.47 -6.01
C ARG B 30 28.94 -13.21 -6.47
N GLY B 31 29.65 -14.28 -6.84
CA GLY B 31 31.05 -14.18 -7.19
C GLY B 31 31.35 -14.79 -8.54
N ARG B 32 32.63 -14.72 -8.91
CA ARG B 32 33.12 -15.29 -10.17
C ARG B 32 34.31 -16.17 -9.86
N TRP B 33 34.17 -17.47 -10.10
CA TRP B 33 35.27 -18.42 -9.99
C TRP B 33 34.92 -19.60 -10.89
N HIS B 34 35.46 -19.59 -12.11
CA HIS B 34 35.05 -20.54 -13.15
C HIS B 34 33.54 -20.49 -13.36
N GLY B 35 33.04 -19.29 -13.63
CA GLY B 35 31.61 -19.04 -13.78
C GLY B 35 31.02 -18.41 -12.54
N ASP B 36 29.69 -18.25 -12.59
CA ASP B 36 28.97 -17.70 -11.46
C ASP B 36 29.02 -18.67 -10.27
N VAL B 37 29.32 -18.13 -9.09
CA VAL B 37 29.36 -18.90 -7.86
C VAL B 37 28.69 -18.08 -6.75
N ALA B 38 28.39 -18.75 -5.66
CA ALA B 38 27.91 -18.11 -4.44
C ALA B 38 28.99 -18.27 -3.37
N VAL B 39 29.33 -17.16 -2.71
CA VAL B 39 30.39 -17.13 -1.71
C VAL B 39 29.80 -16.64 -0.40
N LYS B 40 29.76 -17.51 0.60
CA LYS B 40 29.27 -17.16 1.92
C LYS B 40 30.47 -16.85 2.81
N VAL B 41 30.61 -15.60 3.21
CA VAL B 41 31.70 -15.17 4.09
C VAL B 41 31.21 -15.26 5.53
N LEU B 42 31.86 -16.10 6.32
CA LEU B 42 31.41 -16.37 7.67
C LEU B 42 31.53 -15.12 8.55
N LYS B 43 30.86 -15.15 9.70
CA LYS B 43 30.67 -13.97 10.54
C LYS B 43 31.97 -13.40 11.06
N VAL B 44 32.65 -14.14 11.94
CA VAL B 44 33.84 -13.61 12.60
C VAL B 44 35.01 -13.58 11.62
N SER B 45 35.92 -12.63 11.84
CA SER B 45 37.12 -12.47 11.03
C SER B 45 38.37 -13.00 11.71
N GLN B 46 38.51 -12.79 13.01
CA GLN B 46 39.65 -13.31 13.76
C GLN B 46 39.49 -14.81 13.94
N PRO B 47 40.36 -15.64 13.35
CA PRO B 47 40.15 -17.09 13.42
C PRO B 47 40.62 -17.70 14.73
N THR B 48 39.67 -17.98 15.63
CA THR B 48 39.99 -18.69 16.85
C THR B 48 40.24 -20.17 16.55
N ALA B 49 40.89 -20.83 17.51
CA ALA B 49 41.23 -22.25 17.40
C ALA B 49 42.03 -22.54 16.14
N ALA B 52 38.31 -22.64 13.31
CA ALA B 52 39.36 -22.83 12.31
C ALA B 52 39.38 -24.27 11.81
N GLN B 53 39.80 -25.18 12.70
CA GLN B 53 39.69 -26.61 12.37
C GLN B 53 38.23 -27.04 12.29
N ALA B 54 37.36 -26.43 13.10
CA ALA B 54 35.93 -26.70 12.98
C ALA B 54 35.42 -26.33 11.60
N PHE B 55 35.90 -25.21 11.05
CA PHE B 55 35.58 -24.86 9.67
C PHE B 55 36.06 -25.94 8.71
N LYS B 56 37.33 -26.33 8.82
CA LYS B 56 37.85 -27.40 7.98
C LYS B 56 37.15 -28.72 8.23
N ASN B 57 36.66 -28.94 9.45
CA ASN B 57 35.88 -30.14 9.73
C ASN B 57 34.49 -30.04 9.09
N GLU B 58 33.87 -28.87 9.16
CA GLU B 58 32.60 -28.68 8.47
C GLU B 58 32.75 -28.84 6.96
N MET B 59 33.90 -28.41 6.41
CA MET B 59 34.13 -28.55 4.98
C MET B 59 34.27 -30.02 4.59
N GLN B 60 34.78 -30.86 5.49
CA GLN B 60 34.84 -32.30 5.21
C GLN B 60 33.45 -32.93 5.20
N VAL B 61 32.46 -32.30 5.82
CA VAL B 61 31.08 -32.77 5.71
C VAL B 61 30.50 -32.37 4.36
N LEU B 62 30.71 -31.13 3.94
CA LEU B 62 30.27 -30.70 2.62
C LEU B 62 30.94 -31.48 1.51
N ARG B 63 32.19 -31.93 1.75
CA ARG B 63 32.89 -32.73 0.76
C ARG B 63 32.24 -34.09 0.55
N LYS B 64 31.41 -34.54 1.48
CA LYS B 64 30.79 -35.86 1.37
C LYS B 64 29.51 -35.86 0.53
N THR B 65 29.09 -34.71 0.02
CA THR B 65 27.81 -34.59 -0.67
C THR B 65 28.02 -34.46 -2.17
N ARG B 66 27.41 -35.38 -2.92
CA ARG B 66 27.41 -35.36 -4.40
C ARG B 66 26.03 -35.85 -4.84
N HIS B 67 25.05 -34.94 -4.81
CA HIS B 67 23.68 -35.28 -5.15
C HIS B 67 23.02 -34.09 -5.84
N VAL B 68 22.11 -34.40 -6.77
CA VAL B 68 21.50 -33.35 -7.58
C VAL B 68 20.54 -32.49 -6.76
N ASN B 69 20.00 -33.01 -5.66
CA ASN B 69 19.11 -32.25 -4.79
C ASN B 69 19.87 -31.56 -3.66
N ILE B 70 21.19 -31.63 -3.65
CA ILE B 70 22.03 -30.97 -2.65
C ILE B 70 22.82 -29.88 -3.34
N LEU B 71 22.85 -28.69 -2.73
CA LEU B 71 23.60 -27.57 -3.28
C LEU B 71 25.05 -27.96 -3.47
N LEU B 72 25.59 -27.67 -4.65
CA LEU B 72 26.94 -28.13 -5.02
C LEU B 72 27.99 -27.33 -4.26
N PHE B 73 28.71 -28.00 -3.36
CA PHE B 73 29.89 -27.41 -2.76
C PHE B 73 31.02 -27.39 -3.79
N MET B 74 31.71 -26.26 -3.90
CA MET B 74 32.78 -26.12 -4.89
C MET B 74 34.15 -25.86 -4.29
N GLY B 75 34.22 -25.27 -3.10
CA GLY B 75 35.51 -25.00 -2.49
C GLY B 75 35.34 -24.14 -1.26
N PHE B 76 36.46 -23.93 -0.57
CA PHE B 76 36.48 -23.09 0.62
C PHE B 76 37.72 -22.21 0.61
N MET B 77 37.65 -21.12 1.35
CA MET B 77 38.75 -20.17 1.49
C MET B 77 39.01 -19.94 2.96
N THR B 78 40.28 -20.03 3.36
CA THR B 78 40.68 -19.79 4.75
C THR B 78 41.30 -18.42 4.95
N ARG B 79 41.57 -17.67 3.88
CA ARG B 79 42.12 -16.33 3.97
C ARG B 79 41.34 -15.41 3.03
N PRO B 80 41.11 -14.15 3.44
CA PRO B 80 41.49 -13.53 4.72
C PRO B 80 40.63 -14.06 5.86
N GLY B 81 39.40 -14.46 5.55
CA GLY B 81 38.54 -15.11 6.51
C GLY B 81 38.07 -16.46 5.98
N PHE B 82 37.10 -17.06 6.68
CA PHE B 82 36.55 -18.34 6.25
C PHE B 82 35.37 -18.11 5.32
N ALA B 83 35.39 -18.78 4.16
CA ALA B 83 34.36 -18.59 3.15
C ALA B 83 34.09 -19.93 2.46
N ILE B 84 32.83 -20.12 2.07
CA ILE B 84 32.38 -21.33 1.39
C ILE B 84 31.93 -20.92 0.00
N ILE B 85 32.39 -21.67 -1.01
CA ILE B 85 32.04 -21.43 -2.40
C ILE B 85 31.10 -22.53 -2.85
N THR B 86 29.92 -22.13 -3.33
CA THR B 86 28.91 -23.06 -3.84
C THR B 86 28.48 -22.62 -5.23
N GLN B 87 27.74 -23.51 -5.90
CA GLN B 87 27.17 -23.16 -7.20
C GLN B 87 26.19 -22.00 -7.05
N TRP B 88 26.07 -21.21 -8.11
CA TRP B 88 25.12 -20.09 -8.12
C TRP B 88 23.78 -20.58 -8.63
N CYS B 89 22.76 -20.47 -7.79
CA CYS B 89 21.40 -20.83 -8.16
C CYS B 89 20.74 -19.64 -8.84
N GLU B 90 20.33 -19.82 -10.09
CA GLU B 90 19.54 -18.83 -10.79
C GLU B 90 18.07 -19.11 -10.53
N GLY B 91 17.37 -18.12 -9.98
CA GLY B 91 15.98 -18.31 -9.59
C GLY B 91 15.71 -17.78 -8.20
N SER B 92 14.81 -18.43 -7.48
CA SER B 92 14.41 -17.97 -6.15
C SER B 92 14.32 -19.16 -5.21
N SER B 93 14.24 -18.86 -3.93
CA SER B 93 14.06 -19.89 -2.92
C SER B 93 12.61 -20.37 -2.90
N LEU B 94 12.39 -21.53 -2.27
CA LEU B 94 11.03 -22.01 -2.08
C LEU B 94 10.23 -21.09 -1.18
N TYR B 95 10.89 -20.43 -0.23
CA TYR B 95 10.23 -19.42 0.58
C TYR B 95 9.74 -18.27 -0.29
N HIS B 96 10.58 -17.81 -1.22
CA HIS B 96 10.19 -16.71 -2.10
C HIS B 96 9.03 -17.11 -3.01
N HIS B 97 9.06 -18.34 -3.53
CA HIS B 97 7.99 -18.78 -4.42
C HIS B 97 6.66 -18.89 -3.69
N LEU B 98 6.69 -19.27 -2.42
CA LEU B 98 5.45 -19.56 -1.69
C LEU B 98 4.89 -18.34 -0.96
N HIS B 99 5.74 -17.51 -0.37
CA HIS B 99 5.29 -16.45 0.52
C HIS B 99 5.56 -15.04 0.03
N VAL B 100 6.26 -14.87 -1.09
CA VAL B 100 6.60 -13.54 -1.58
C VAL B 100 6.00 -13.31 -2.96
N ALA B 101 6.36 -14.17 -3.91
CA ALA B 101 5.89 -14.02 -5.27
C ALA B 101 4.53 -14.67 -5.51
N ASP B 102 4.08 -15.52 -4.60
CA ASP B 102 2.81 -16.23 -4.74
C ASP B 102 2.74 -16.98 -6.07
N THR B 103 3.76 -17.81 -6.31
CA THR B 103 3.84 -18.55 -7.56
C THR B 103 2.77 -19.65 -7.60
N ARG B 104 2.18 -19.84 -8.78
CA ARG B 104 1.13 -20.84 -8.96
C ARG B 104 1.76 -22.21 -9.18
N PHE B 105 1.58 -23.11 -8.21
CA PHE B 105 2.00 -24.50 -8.33
C PHE B 105 0.78 -25.41 -8.25
N ASP B 106 0.75 -26.43 -9.11
CA ASP B 106 -0.25 -27.46 -8.95
C ASP B 106 0.16 -28.42 -7.84
N MET B 107 -0.79 -29.25 -7.41
CA MET B 107 -0.48 -30.25 -6.39
C MET B 107 0.54 -31.25 -6.90
N VAL B 108 0.51 -31.56 -8.20
CA VAL B 108 1.51 -32.45 -8.79
C VAL B 108 2.90 -31.84 -8.66
N GLN B 109 3.00 -30.52 -8.68
CA GLN B 109 4.29 -29.85 -8.54
C GLN B 109 4.69 -29.73 -7.07
N LEU B 110 3.72 -29.50 -6.19
CA LEU B 110 4.03 -29.38 -4.76
C LEU B 110 4.55 -30.70 -4.20
N ILE B 111 3.93 -31.82 -4.61
CA ILE B 111 4.41 -33.12 -4.18
C ILE B 111 5.77 -33.42 -4.80
N ASP B 112 6.02 -32.93 -6.02
CA ASP B 112 7.33 -33.13 -6.63
C ASP B 112 8.41 -32.39 -5.85
N VAL B 113 8.16 -31.14 -5.48
CA VAL B 113 9.09 -30.41 -4.62
C VAL B 113 9.27 -31.15 -3.31
N ALA B 114 8.17 -31.66 -2.74
CA ALA B 114 8.25 -32.42 -1.50
C ALA B 114 9.03 -33.72 -1.70
N ARG B 115 8.91 -34.33 -2.88
CA ARG B 115 9.65 -35.55 -3.16
C ARG B 115 11.14 -35.25 -3.33
N GLN B 116 11.47 -34.20 -4.10
CA GLN B 116 12.87 -33.84 -4.30
C GLN B 116 13.53 -33.43 -3.00
N THR B 117 12.81 -32.70 -2.15
CA THR B 117 13.35 -32.33 -0.85
C THR B 117 13.59 -33.55 0.02
N ALA B 118 12.66 -34.51 0.01
CA ALA B 118 12.88 -35.77 0.70
C ALA B 118 14.02 -36.56 0.07
N GLN B 119 14.16 -36.47 -1.25
CA GLN B 119 15.27 -37.14 -1.92
C GLN B 119 16.61 -36.61 -1.44
N GLY B 120 16.72 -35.30 -1.25
CA GLY B 120 17.96 -34.71 -0.79
C GLY B 120 18.23 -35.01 0.68
N MET B 121 17.19 -34.92 1.51
CA MET B 121 17.36 -35.21 2.93
C MET B 121 17.70 -36.67 3.16
N ASP B 122 17.09 -37.57 2.39
CA ASP B 122 17.41 -38.99 2.51
C ASP B 122 18.87 -39.25 2.17
N TYR B 123 19.42 -38.50 1.22
CA TYR B 123 20.83 -38.64 0.88
C TYR B 123 21.71 -38.15 2.03
N LEU B 124 21.36 -37.02 2.64
CA LEU B 124 22.16 -36.47 3.72
C LEU B 124 22.19 -37.42 4.92
N HIS B 125 21.03 -37.94 5.30
CA HIS B 125 20.97 -38.84 6.45
C HIS B 125 21.64 -40.18 6.15
N ALA B 126 21.57 -40.64 4.89
CA ALA B 126 22.32 -41.83 4.51
C ALA B 126 23.82 -41.58 4.61
N LYS B 127 24.25 -40.32 4.46
CA LYS B 127 25.63 -39.92 4.65
C LYS B 127 25.93 -39.48 6.07
N ASN B 128 25.00 -39.72 7.01
CA ASN B 128 25.18 -39.38 8.42
C ASN B 128 25.31 -37.87 8.61
N ILE B 129 24.49 -37.10 7.91
CA ILE B 129 24.52 -35.64 7.96
C ILE B 129 23.18 -35.16 8.49
N ILE B 130 23.21 -34.49 9.64
CA ILE B 130 22.05 -33.78 10.15
C ILE B 130 22.10 -32.34 9.64
N HIS B 131 21.02 -31.90 8.99
CA HIS B 131 21.00 -30.57 8.39
C HIS B 131 21.06 -29.48 9.46
N ARG B 132 20.24 -29.61 10.50
CA ARG B 132 20.21 -28.73 11.67
C ARG B 132 19.53 -27.40 11.38
N ASP B 133 19.25 -27.06 10.12
CA ASP B 133 18.68 -25.76 9.81
C ASP B 133 17.89 -25.81 8.51
N LEU B 134 17.08 -26.85 8.33
CA LEU B 134 16.28 -26.97 7.12
C LEU B 134 15.08 -26.02 7.18
N LYS B 135 14.86 -25.28 6.10
CA LYS B 135 13.70 -24.39 5.98
C LYS B 135 13.54 -24.03 4.52
N SER B 136 12.40 -23.40 4.21
CA SER B 136 12.10 -23.04 2.83
C SER B 136 13.06 -22.00 2.29
N ASN B 137 13.73 -21.23 3.15
CA ASN B 137 14.72 -20.27 2.68
C ASN B 137 15.97 -20.96 2.15
N ASN B 138 16.29 -22.14 2.68
CA ASN B 138 17.46 -22.90 2.26
C ASN B 138 17.14 -23.95 1.21
N ILE B 139 16.00 -23.82 0.53
CA ILE B 139 15.61 -24.70 -0.56
C ILE B 139 15.46 -23.83 -1.81
N PHE B 140 16.29 -24.10 -2.81
CA PHE B 140 16.30 -23.33 -4.05
C PHE B 140 15.69 -24.14 -5.16
N LEU B 141 14.76 -23.54 -5.90
CA LEU B 141 14.19 -24.16 -7.10
C LEU B 141 15.06 -23.75 -8.28
N HIS B 142 16.19 -24.44 -8.43
CA HIS B 142 17.14 -24.12 -9.48
C HIS B 142 16.52 -24.36 -10.85
N GLU B 143 16.68 -23.39 -11.74
CA GLU B 143 16.07 -23.39 -13.07
C GLU B 143 14.55 -23.51 -13.01
N GLY B 144 13.96 -23.23 -11.85
CA GLY B 144 12.54 -23.46 -11.66
C GLY B 144 12.13 -24.89 -11.85
N LEU B 145 13.00 -25.84 -11.51
CA LEU B 145 12.76 -27.25 -11.79
C LEU B 145 13.29 -28.17 -10.70
N THR B 146 14.55 -27.97 -10.30
CA THR B 146 15.25 -28.90 -9.42
C THR B 146 15.46 -28.28 -8.04
N VAL B 147 15.10 -29.04 -7.01
CA VAL B 147 15.31 -28.58 -5.63
C VAL B 147 16.78 -28.68 -5.28
N LYS B 148 17.31 -27.62 -4.66
CA LYS B 148 18.67 -27.60 -4.15
C LYS B 148 18.64 -27.25 -2.67
N ILE B 149 19.07 -28.18 -1.83
CA ILE B 149 19.12 -27.97 -0.39
C ILE B 149 20.51 -27.44 -0.03
N GLY B 150 20.55 -26.37 0.78
CA GLY B 150 21.80 -25.75 1.14
C GLY B 150 21.87 -25.46 2.64
N ASP B 151 23.05 -25.03 3.06
CA ASP B 151 23.31 -24.59 4.44
C ASP B 151 23.08 -25.71 5.45
N PHE B 152 23.61 -26.89 5.14
CA PHE B 152 23.54 -28.04 6.01
C PHE B 152 24.88 -28.26 6.71
N GLY B 153 24.80 -28.84 7.92
CA GLY B 153 26.00 -29.15 8.68
C GLY B 153 26.91 -27.97 8.93
N LEU B 154 26.35 -26.78 9.13
CA LEU B 154 27.16 -25.58 9.37
C LEU B 154 26.89 -25.01 10.76
N GLY B 172 18.47 -21.87 14.56
CA GLY B 172 17.87 -21.40 13.34
C GLY B 172 16.56 -20.66 13.56
N SER B 173 15.70 -20.67 12.55
CA SER B 173 14.40 -20.03 12.65
C SER B 173 13.45 -20.89 13.46
N VAL B 174 12.62 -20.25 14.29
CA VAL B 174 11.80 -20.99 15.25
C VAL B 174 10.67 -21.74 14.56
N LEU B 175 10.22 -21.28 13.40
CA LEU B 175 9.06 -21.89 12.76
C LEU B 175 9.33 -23.30 12.27
N TRP B 176 10.59 -23.66 12.05
CA TRP B 176 10.96 -25.00 11.62
C TRP B 176 11.64 -25.81 12.73
N MET B 177 11.73 -25.26 13.94
CA MET B 177 12.40 -25.92 15.04
C MET B 177 11.46 -26.88 15.75
N ALA B 178 11.94 -28.08 16.03
CA ALA B 178 11.18 -29.05 16.80
C ALA B 178 11.13 -28.63 18.27
N ALA B 179 10.20 -29.24 19.00
CA ALA B 179 10.04 -28.90 20.41
C ALA B 179 11.27 -29.28 21.22
N GLU B 180 11.88 -30.42 20.93
CA GLU B 180 13.07 -30.84 21.67
C GLU B 180 14.28 -29.98 21.34
N VAL B 181 14.30 -29.33 20.18
CA VAL B 181 15.35 -28.37 19.89
C VAL B 181 15.09 -27.05 20.62
N ILE B 182 13.81 -26.69 20.78
CA ILE B 182 13.48 -25.47 21.52
C ILE B 182 13.82 -25.62 23.00
N ARG B 183 13.59 -26.82 23.55
CA ARG B 183 13.82 -27.02 24.98
C ARG B 183 15.31 -27.09 25.31
N MET B 184 16.09 -27.75 24.46
CA MET B 184 17.54 -27.90 24.67
C MET B 184 17.84 -28.57 26.01
N GLN B 185 17.03 -29.57 26.36
CA GLN B 185 17.22 -30.35 27.58
C GLN B 185 17.52 -31.81 27.30
N ASP B 186 16.79 -32.43 26.37
CA ASP B 186 16.95 -33.85 26.08
C ASP B 186 18.34 -34.15 25.54
N PRO B 187 18.81 -35.38 25.69
CA PRO B 187 20.12 -35.75 25.11
C PRO B 187 20.05 -35.77 23.59
N ASN B 188 21.05 -35.15 22.96
CA ASN B 188 21.13 -35.03 21.51
C ASN B 188 19.87 -34.39 20.96
N PRO B 189 19.65 -33.09 21.19
CA PRO B 189 18.43 -32.46 20.69
C PRO B 189 18.35 -32.40 19.17
N TYR B 190 19.49 -32.30 18.49
CA TYR B 190 19.52 -32.34 17.03
C TYR B 190 19.70 -33.77 16.56
N SER B 191 18.81 -34.22 15.67
CA SER B 191 18.82 -35.59 15.20
C SER B 191 18.21 -35.65 13.80
N PHE B 192 18.09 -36.86 13.28
CA PHE B 192 17.33 -37.07 12.05
C PHE B 192 15.89 -36.62 12.23
N GLN B 193 15.31 -36.88 13.40
CA GLN B 193 13.91 -36.58 13.63
C GLN B 193 13.66 -35.07 13.74
N SER B 194 14.63 -34.32 14.28
CA SER B 194 14.51 -32.87 14.26
C SER B 194 14.56 -32.33 12.83
N ASP B 195 15.35 -32.97 11.97
CA ASP B 195 15.32 -32.64 10.55
C ASP B 195 13.98 -33.01 9.93
N VAL B 196 13.40 -34.14 10.37
CA VAL B 196 12.11 -34.56 9.84
C VAL B 196 11.01 -33.57 10.21
N TYR B 197 11.03 -33.06 11.44
CA TYR B 197 10.05 -32.05 11.84
C TYR B 197 10.22 -30.79 11.01
N ALA B 198 11.47 -30.36 10.77
CA ALA B 198 11.70 -29.21 9.90
C ALA B 198 11.17 -29.47 8.51
N TYR B 199 11.38 -30.69 7.98
CA TYR B 199 10.79 -31.06 6.70
C TYR B 199 9.27 -31.04 6.78
N GLY B 200 8.70 -31.39 7.93
CA GLY B 200 7.25 -31.35 8.08
C GLY B 200 6.69 -29.94 7.97
N VAL B 201 7.40 -28.96 8.54
CA VAL B 201 6.96 -27.57 8.40
C VAL B 201 7.08 -27.12 6.95
N VAL B 202 8.09 -27.60 6.23
CA VAL B 202 8.18 -27.31 4.80
C VAL B 202 7.00 -27.92 4.07
N LEU B 203 6.60 -29.14 4.45
CA LEU B 203 5.39 -29.74 3.91
C LEU B 203 4.17 -28.87 4.21
N TYR B 204 4.11 -28.34 5.43
CA TYR B 204 3.00 -27.45 5.79
C TYR B 204 2.97 -26.23 4.88
N GLU B 205 4.14 -25.66 4.57
CA GLU B 205 4.19 -24.53 3.64
C GLU B 205 3.69 -24.92 2.27
N LEU B 206 4.07 -26.10 1.78
CA LEU B 206 3.66 -26.53 0.46
C LEU B 206 2.16 -26.82 0.39
N MET B 207 1.62 -27.44 1.44
CA MET B 207 0.22 -27.86 1.40
C MET B 207 -0.73 -26.73 1.77
N THR B 208 -0.30 -25.81 2.64
CA THR B 208 -1.16 -24.70 3.05
C THR B 208 -0.88 -23.40 2.31
N GLY B 209 0.34 -23.24 1.79
CA GLY B 209 0.72 -22.00 1.15
C GLY B 209 1.07 -20.86 2.08
N SER B 210 1.19 -21.14 3.38
CA SER B 210 1.46 -20.11 4.37
C SER B 210 2.42 -20.66 5.41
N LEU B 211 2.93 -19.76 6.24
CA LEU B 211 3.80 -20.13 7.35
C LEU B 211 2.96 -20.56 8.55
N PRO B 212 3.50 -21.43 9.40
CA PRO B 212 2.77 -21.81 10.61
C PRO B 212 2.62 -20.61 11.54
N TYR B 213 1.51 -20.60 12.28
CA TYR B 213 1.19 -19.53 13.22
C TYR B 213 1.14 -18.18 12.49
N SER B 214 0.22 -18.10 11.52
CA SER B 214 0.20 -16.98 10.59
C SER B 214 -0.12 -15.65 11.27
N HIS B 215 -0.75 -15.65 12.43
CA HIS B 215 -1.16 -14.40 13.07
C HIS B 215 -0.91 -14.44 14.57
N ILE B 216 0.17 -15.09 14.99
CA ILE B 216 0.63 -15.04 16.37
C ILE B 216 1.80 -14.06 16.40
N GLY B 217 1.55 -12.84 16.91
CA GLY B 217 2.52 -11.77 16.77
C GLY B 217 3.67 -11.84 17.74
N CYS B 218 3.49 -12.48 18.89
CA CYS B 218 4.53 -12.53 19.90
C CYS B 218 5.50 -13.66 19.59
N ARG B 219 6.78 -13.30 19.39
CA ARG B 219 7.79 -14.33 19.11
C ARG B 219 7.94 -15.27 20.30
N ASP B 220 8.04 -14.72 21.51
CA ASP B 220 8.27 -15.54 22.69
C ASP B 220 7.10 -16.47 22.97
N GLN B 221 5.87 -16.05 22.66
CA GLN B 221 4.72 -16.94 22.84
C GLN B 221 4.81 -18.15 21.93
N ILE B 222 5.15 -17.92 20.65
CA ILE B 222 5.31 -19.01 19.70
C ILE B 222 6.35 -20.01 20.21
N ILE B 223 7.39 -19.51 20.87
CA ILE B 223 8.47 -20.37 21.34
C ILE B 223 8.02 -21.23 22.50
N PHE B 224 7.54 -20.60 23.57
CA PHE B 224 7.23 -21.32 24.81
C PHE B 224 6.17 -22.39 24.58
N MET B 225 5.15 -22.09 23.78
CA MET B 225 4.07 -23.04 23.55
C MET B 225 4.55 -24.27 22.80
N VAL B 226 5.26 -24.07 21.69
CA VAL B 226 5.71 -25.19 20.87
C VAL B 226 6.65 -26.09 21.67
N GLY B 227 7.54 -25.50 22.46
CA GLY B 227 8.48 -26.30 23.23
C GLY B 227 7.81 -27.18 24.26
N ARG B 228 6.67 -26.74 24.79
CA ARG B 228 5.91 -27.51 25.76
C ARG B 228 4.88 -28.43 25.12
N GLY B 229 4.58 -28.24 23.83
CA GLY B 229 3.55 -28.99 23.15
C GLY B 229 2.20 -28.31 23.08
N TYR B 230 2.07 -27.10 23.65
CA TYR B 230 0.78 -26.42 23.69
C TYR B 230 0.35 -25.90 22.32
N LEU B 231 1.27 -25.76 21.37
CA LEU B 231 0.97 -25.18 20.07
C LEU B 231 1.62 -26.01 18.97
N SER B 232 0.96 -26.05 17.82
CA SER B 232 1.43 -26.81 16.67
C SER B 232 0.78 -26.24 15.42
N PRO B 233 1.33 -26.53 14.23
CA PRO B 233 0.75 -25.96 13.01
C PRO B 233 -0.71 -26.35 12.82
N ASP B 234 -1.45 -25.46 12.17
CA ASP B 234 -2.90 -25.61 12.01
C ASP B 234 -3.16 -26.36 10.72
N LEU B 235 -3.47 -27.66 10.84
CA LEU B 235 -3.72 -28.51 9.68
C LEU B 235 -5.05 -28.19 9.00
N SER B 236 -5.86 -27.29 9.56
CA SER B 236 -7.11 -26.91 8.91
C SER B 236 -6.88 -26.06 7.67
N LYS B 237 -5.71 -25.44 7.54
CA LYS B 237 -5.38 -24.66 6.36
C LYS B 237 -4.91 -25.51 5.19
N ILE B 238 -4.57 -26.79 5.44
CA ILE B 238 -4.18 -27.72 4.39
C ILE B 238 -5.24 -27.71 3.30
N SER B 239 -4.83 -27.42 2.07
CA SER B 239 -5.77 -27.33 0.96
C SER B 239 -6.52 -28.65 0.80
N SER B 240 -7.77 -28.55 0.34
CA SER B 240 -8.58 -29.75 0.12
C SER B 240 -7.98 -30.64 -0.95
N ASN B 241 -7.28 -30.04 -1.92
CA ASN B 241 -6.64 -30.78 -3.01
C ASN B 241 -5.46 -31.63 -2.54
N CYS B 242 -5.08 -31.54 -1.27
CA CYS B 242 -3.96 -32.32 -0.76
C CYS B 242 -4.40 -33.75 -0.47
N PRO B 243 -3.71 -34.75 -1.00
CA PRO B 243 -4.12 -36.14 -0.75
C PRO B 243 -4.08 -36.49 0.73
N LYS B 244 -4.96 -37.41 1.13
CA LYS B 244 -5.07 -37.78 2.54
C LYS B 244 -3.77 -38.41 3.05
N ALA B 245 -3.09 -39.19 2.21
CA ALA B 245 -1.83 -39.77 2.62
C ALA B 245 -0.77 -38.70 2.86
N MET B 246 -0.84 -37.59 2.14
CA MET B 246 0.08 -36.48 2.39
C MET B 246 -0.21 -35.81 3.72
N ARG B 247 -1.49 -35.62 4.04
CA ARG B 247 -1.85 -35.01 5.32
C ARG B 247 -1.39 -35.88 6.49
N ARG B 248 -1.51 -37.20 6.34
CA ARG B 248 -1.04 -38.10 7.40
C ARG B 248 0.49 -38.08 7.49
N LEU B 249 1.18 -38.10 6.36
CA LEU B 249 2.63 -37.98 6.37
C LEU B 249 3.05 -36.65 6.99
N LEU B 250 2.33 -35.58 6.68
CA LEU B 250 2.63 -34.27 7.25
C LEU B 250 2.48 -34.29 8.77
N SER B 251 1.36 -34.82 9.26
CA SER B 251 1.12 -34.86 10.71
C SER B 251 2.11 -35.79 11.41
N ASP B 252 2.53 -36.87 10.74
CA ASP B 252 3.52 -37.75 11.34
C ASP B 252 4.88 -37.06 11.49
N CYS B 253 5.22 -36.20 10.53
CA CYS B 253 6.47 -35.45 10.62
C CYS B 253 6.42 -34.36 11.67
N LEU B 254 5.22 -33.91 12.06
CA LEU B 254 5.06 -32.84 13.04
C LEU B 254 4.81 -33.36 14.45
N LYS B 255 4.93 -34.66 14.67
CA LYS B 255 4.61 -35.23 15.97
C LYS B 255 5.51 -34.66 17.05
N PHE B 256 4.95 -34.46 18.25
CA PHE B 256 5.69 -33.87 19.35
C PHE B 256 6.83 -34.77 19.80
N GLN B 257 6.54 -36.06 19.99
CA GLN B 257 7.57 -37.03 20.37
C GLN B 257 8.41 -37.36 19.15
N ARG B 258 9.72 -37.16 19.25
CA ARG B 258 10.61 -37.41 18.12
C ARG B 258 10.68 -38.90 17.79
N GLU B 259 10.53 -39.77 18.78
CA GLU B 259 10.65 -41.20 18.54
C GLU B 259 9.55 -41.71 17.61
N GLU B 260 8.41 -41.05 17.58
CA GLU B 260 7.29 -41.46 16.74
C GLU B 260 7.33 -40.87 15.34
N ARG B 261 8.35 -40.08 15.01
CA ARG B 261 8.39 -39.49 13.68
C ARG B 261 9.10 -40.42 12.70
N PRO B 262 8.60 -40.51 11.48
CA PRO B 262 9.23 -41.42 10.50
C PRO B 262 10.54 -40.86 9.97
N LEU B 263 11.43 -41.77 9.59
CA LEU B 263 12.67 -41.39 8.95
C LEU B 263 12.46 -41.24 7.45
N PHE B 264 13.42 -40.58 6.80
CA PHE B 264 13.26 -40.19 5.40
C PHE B 264 13.18 -41.36 4.42
N PRO B 265 13.81 -42.52 4.68
CA PRO B 265 13.51 -43.69 3.84
C PRO B 265 12.02 -44.01 3.78
N GLN B 266 11.29 -43.86 4.90
CA GLN B 266 9.84 -44.06 4.86
C GLN B 266 9.14 -42.88 4.22
N ILE B 267 9.56 -41.66 4.54
CA ILE B 267 8.94 -40.46 3.97
C ILE B 267 9.06 -40.48 2.45
N LEU B 268 10.26 -40.74 1.95
CA LEU B 268 10.48 -40.76 0.51
C LEU B 268 9.70 -41.89 -0.16
N ALA B 269 9.73 -43.08 0.44
CA ALA B 269 8.98 -44.20 -0.13
C ALA B 269 7.48 -43.94 -0.11
N THR B 270 7.00 -43.29 0.96
CA THR B 270 5.57 -42.97 1.03
C THR B 270 5.15 -42.04 -0.10
N ILE B 271 5.97 -41.01 -0.38
CA ILE B 271 5.64 -40.09 -1.45
C ILE B 271 5.78 -40.77 -2.81
N GLU B 272 6.86 -41.54 -3.00
CA GLU B 272 7.10 -42.17 -4.29
C GLU B 272 6.04 -43.21 -4.62
N LEU B 273 5.53 -43.93 -3.61
CA LEU B 273 4.44 -44.87 -3.86
C LEU B 273 3.11 -44.15 -4.06
N LEU B 274 2.91 -43.03 -3.36
CA LEU B 274 1.68 -42.26 -3.55
C LEU B 274 1.62 -41.66 -4.96
N GLN B 275 2.76 -41.19 -5.47
CA GLN B 275 2.78 -40.55 -6.78
C GLN B 275 2.43 -41.55 -7.89
N ARG B 276 2.94 -42.78 -7.81
CA ARG B 276 2.60 -43.80 -8.80
C ARG B 276 1.11 -44.08 -8.85
N SER B 277 0.39 -43.77 -7.79
CA SER B 277 -1.07 -43.93 -7.73
C SER B 277 -1.70 -42.54 -7.78
N LEU B 278 -1.62 -41.90 -8.94
CA LEU B 278 -2.12 -40.55 -9.12
C LEU B 278 -3.64 -40.53 -9.17
N ASP C 8 -16.89 -14.52 -41.92
CA ASP C 8 -16.89 -15.87 -42.48
C ASP C 8 -18.11 -16.66 -42.00
N GLU C 9 -18.07 -17.97 -42.22
CA GLU C 9 -19.22 -18.82 -41.87
C GLU C 9 -19.48 -18.81 -40.37
N GLN C 10 -18.41 -18.92 -39.56
CA GLN C 10 -18.59 -18.91 -38.12
C GLN C 10 -19.04 -17.54 -37.61
N GLN C 11 -18.45 -16.47 -38.15
CA GLN C 11 -18.84 -15.13 -37.72
C GLN C 11 -20.28 -14.81 -38.14
N ARG C 12 -20.71 -15.29 -39.30
CA ARG C 12 -22.08 -15.06 -39.75
C ARG C 12 -23.07 -15.77 -38.86
N LYS C 13 -22.72 -16.96 -38.37
CA LYS C 13 -23.63 -17.70 -37.49
C LYS C 13 -23.70 -17.07 -36.12
N ARG C 14 -22.58 -16.56 -35.61
CA ARG C 14 -22.57 -15.95 -34.28
C ARG C 14 -23.34 -14.63 -34.28
N LEU C 15 -23.23 -13.85 -35.35
CA LEU C 15 -23.95 -12.59 -35.43
C LEU C 15 -25.46 -12.82 -35.54
N GLU C 16 -25.87 -13.80 -36.35
CA GLU C 16 -27.28 -14.15 -36.41
C GLU C 16 -27.79 -14.72 -35.10
N ALA C 17 -26.93 -15.44 -34.37
CA ALA C 17 -27.32 -15.94 -33.05
C ALA C 17 -27.47 -14.78 -32.06
N PHE C 18 -26.57 -13.79 -32.13
CA PHE C 18 -26.68 -12.63 -31.26
C PHE C 18 -27.91 -11.80 -31.61
N LEU C 19 -28.21 -11.66 -32.91
CA LEU C 19 -29.39 -10.92 -33.32
C LEU C 19 -30.67 -11.65 -32.91
N THR C 20 -30.64 -12.98 -32.86
CA THR C 20 -31.79 -13.73 -32.39
C THR C 20 -32.02 -13.51 -30.89
N GLN C 21 -30.94 -13.52 -30.10
CA GLN C 21 -31.07 -13.26 -28.68
C GLN C 21 -31.44 -11.81 -28.41
N LYS C 22 -31.05 -10.90 -29.31
CA LYS C 22 -31.33 -9.48 -29.10
C LYS C 22 -32.81 -9.16 -29.33
N GLN C 23 -33.51 -9.97 -30.12
CA GLN C 23 -34.91 -9.68 -30.43
C GLN C 23 -35.80 -9.84 -29.21
N LYS C 24 -35.39 -10.67 -28.24
CA LYS C 24 -36.19 -10.93 -27.05
C LYS C 24 -35.84 -9.99 -25.89
N VAL C 25 -35.16 -8.89 -26.17
CA VAL C 25 -34.75 -7.96 -25.12
C VAL C 25 -35.85 -6.94 -24.88
N GLY C 26 -35.95 -5.96 -25.78
CA GLY C 26 -36.98 -4.94 -25.66
C GLY C 26 -36.53 -3.80 -24.76
N GLU C 27 -37.41 -3.38 -23.86
CA GLU C 27 -37.15 -2.27 -22.97
C GLU C 27 -36.43 -2.75 -21.71
N LEU C 28 -35.48 -1.94 -21.24
CA LEU C 28 -34.71 -2.23 -20.04
C LEU C 28 -35.09 -1.23 -18.95
N LYS C 29 -35.35 -1.73 -17.75
CA LYS C 29 -35.70 -0.91 -16.60
C LYS C 29 -34.87 -1.34 -15.40
N ASP C 30 -34.82 -0.46 -14.40
CA ASP C 30 -33.93 -0.67 -13.26
C ASP C 30 -34.31 -1.90 -12.45
N ASP C 31 -35.61 -2.17 -12.31
CA ASP C 31 -36.08 -3.21 -11.41
C ASP C 31 -35.85 -4.62 -11.94
N ASP C 32 -35.42 -4.77 -13.20
CA ASP C 32 -35.33 -6.08 -13.82
C ASP C 32 -33.97 -6.74 -13.68
N PHE C 33 -33.06 -6.16 -12.89
CA PHE C 33 -31.68 -6.61 -12.86
C PHE C 33 -31.31 -7.13 -11.47
N GLU C 34 -30.34 -8.05 -11.46
CA GLU C 34 -29.69 -8.53 -10.24
C GLU C 34 -28.20 -8.60 -10.50
N LYS C 35 -27.42 -7.96 -9.63
CA LYS C 35 -25.98 -7.83 -9.87
C LYS C 35 -25.26 -9.12 -9.55
N ILE C 36 -24.33 -9.50 -10.44
CA ILE C 36 -23.53 -10.70 -10.25
C ILE C 36 -22.17 -10.37 -9.65
N SER C 37 -21.44 -9.43 -10.25
CA SER C 37 -20.13 -9.04 -9.75
C SER C 37 -19.76 -7.69 -10.35
N GLU C 38 -18.76 -7.05 -9.73
CA GLU C 38 -18.24 -5.76 -10.18
C GLU C 38 -17.03 -6.00 -11.06
N LEU C 39 -17.06 -5.47 -12.28
CA LEU C 39 -16.00 -5.72 -13.26
C LEU C 39 -14.92 -4.66 -13.26
N GLY C 40 -15.26 -3.40 -13.02
CA GLY C 40 -14.28 -2.35 -13.01
C GLY C 40 -14.92 -0.98 -13.11
N ALA C 41 -14.14 0.03 -12.73
CA ALA C 41 -14.59 1.41 -12.76
C ALA C 41 -13.50 2.29 -13.36
N GLY C 42 -13.91 3.44 -13.87
CA GLY C 42 -12.97 4.34 -14.53
C GLY C 42 -13.19 5.81 -14.24
N ASN C 43 -12.83 6.66 -15.21
CA ASN C 43 -12.88 8.10 -14.99
C ASN C 43 -14.32 8.61 -14.92
N GLY C 44 -15.26 7.92 -15.56
CA GLY C 44 -16.63 8.40 -15.58
C GLY C 44 -17.69 7.32 -15.49
N GLY C 45 -17.26 6.07 -15.31
CA GLY C 45 -18.23 4.98 -15.26
C GLY C 45 -17.70 3.77 -14.53
N VAL C 46 -18.64 2.96 -14.04
CA VAL C 46 -18.34 1.68 -13.42
C VAL C 46 -19.17 0.62 -14.13
N VAL C 47 -18.59 -0.56 -14.33
CA VAL C 47 -19.21 -1.64 -15.09
C VAL C 47 -19.46 -2.81 -14.17
N PHE C 48 -20.66 -3.38 -14.25
CA PHE C 48 -21.05 -4.51 -13.42
C PHE C 48 -21.60 -5.63 -14.29
N LYS C 49 -21.35 -6.87 -13.87
CA LYS C 49 -21.97 -8.03 -14.50
C LYS C 49 -23.34 -8.24 -13.89
N VAL C 50 -24.38 -8.20 -14.73
CA VAL C 50 -25.76 -8.24 -14.25
C VAL C 50 -26.53 -9.33 -14.97
N SER C 51 -27.62 -9.76 -14.34
CA SER C 51 -28.51 -10.76 -14.89
C SER C 51 -29.86 -10.11 -15.16
N HIS C 52 -30.32 -10.17 -16.41
CA HIS C 52 -31.61 -9.62 -16.80
C HIS C 52 -32.64 -10.74 -16.78
N LYS C 53 -33.53 -10.71 -15.80
CA LYS C 53 -34.47 -11.79 -15.56
C LYS C 53 -35.55 -11.85 -16.63
N PRO C 54 -35.94 -10.71 -17.22
CA PRO C 54 -37.03 -10.76 -18.23
C PRO C 54 -36.66 -11.55 -19.47
N SER C 55 -35.41 -11.48 -19.91
CA SER C 55 -34.95 -12.23 -21.07
C SER C 55 -34.04 -13.40 -20.71
N GLY C 56 -33.52 -13.44 -19.48
CA GLY C 56 -32.60 -14.51 -19.10
C GLY C 56 -31.20 -14.35 -19.62
N LEU C 57 -30.77 -13.13 -19.92
CA LEU C 57 -29.46 -12.88 -20.49
C LEU C 57 -28.55 -12.20 -19.47
N VAL C 58 -27.27 -12.53 -19.54
CA VAL C 58 -26.24 -11.86 -18.76
C VAL C 58 -25.65 -10.73 -19.58
N MET C 59 -25.47 -9.57 -18.95
CA MET C 59 -25.04 -8.38 -19.66
C MET C 59 -24.00 -7.63 -18.84
N ALA C 60 -23.31 -6.71 -19.50
CA ALA C 60 -22.40 -5.78 -18.85
C ALA C 60 -23.10 -4.43 -18.74
N ARG C 61 -23.28 -3.96 -17.51
CA ARG C 61 -24.03 -2.73 -17.22
C ARG C 61 -23.05 -1.65 -16.80
N LYS C 62 -22.91 -0.63 -17.64
CA LYS C 62 -22.06 0.52 -17.34
C LYS C 62 -22.91 1.65 -16.80
N LEU C 63 -22.56 2.15 -15.62
CA LEU C 63 -23.28 3.23 -14.96
C LEU C 63 -22.48 4.51 -15.05
N ILE C 64 -23.09 5.56 -15.60
CA ILE C 64 -22.44 6.86 -15.76
C ILE C 64 -23.30 7.90 -15.05
N HIS C 65 -22.69 8.64 -14.12
CA HIS C 65 -23.39 9.66 -13.36
C HIS C 65 -23.33 10.99 -14.11
N LEU C 66 -24.48 11.63 -14.26
CA LEU C 66 -24.56 12.88 -15.00
C LEU C 66 -25.74 13.70 -14.51
N GLU C 67 -25.46 14.90 -14.02
CA GLU C 67 -26.50 15.87 -13.66
C GLU C 67 -26.60 16.86 -14.82
N ILE C 68 -27.57 16.65 -15.70
CA ILE C 68 -27.73 17.46 -16.90
C ILE C 68 -29.18 17.87 -17.03
N LYS C 69 -29.42 18.88 -17.86
CA LYS C 69 -30.77 19.36 -18.10
C LYS C 69 -31.62 18.25 -18.70
N PRO C 70 -32.94 18.30 -18.53
CA PRO C 70 -33.79 17.21 -19.04
C PRO C 70 -33.71 17.03 -20.54
N ALA C 71 -33.61 18.13 -21.29
CA ALA C 71 -33.49 18.02 -22.74
C ALA C 71 -32.16 17.39 -23.15
N ILE C 72 -31.07 17.79 -22.49
CA ILE C 72 -29.77 17.21 -22.81
C ILE C 72 -29.70 15.75 -22.42
N ARG C 73 -30.46 15.35 -21.39
CA ARG C 73 -30.49 13.95 -21.00
C ARG C 73 -31.26 13.11 -22.00
N ASN C 74 -32.38 13.64 -22.52
CA ASN C 74 -33.15 12.90 -23.52
C ASN C 74 -32.38 12.74 -24.82
N GLN C 75 -31.53 13.71 -25.16
CA GLN C 75 -30.79 13.65 -26.41
C GLN C 75 -29.79 12.50 -26.42
N ILE C 76 -29.07 12.30 -25.31
CA ILE C 76 -28.02 11.30 -25.27
C ILE C 76 -28.60 9.90 -25.41
N ILE C 77 -29.77 9.65 -24.80
CA ILE C 77 -30.33 8.31 -24.78
C ILE C 77 -30.62 7.83 -26.19
N ARG C 78 -31.24 8.67 -27.02
CA ARG C 78 -31.49 8.31 -28.41
C ARG C 78 -30.30 8.55 -29.33
N GLU C 79 -29.31 9.34 -28.88
CA GLU C 79 -28.07 9.45 -29.64
C GLU C 79 -27.28 8.15 -29.67
N LEU C 80 -27.54 7.24 -28.73
CA LEU C 80 -26.88 5.94 -28.68
C LEU C 80 -27.65 4.84 -29.39
N GLN C 81 -28.94 5.06 -29.69
CA GLN C 81 -29.73 4.08 -30.43
C GLN C 81 -29.10 3.69 -31.77
N VAL C 82 -28.11 4.46 -32.24
CA VAL C 82 -27.35 4.07 -33.42
C VAL C 82 -26.60 2.77 -33.16
N LEU C 83 -26.28 2.48 -31.90
CA LEU C 83 -25.59 1.23 -31.57
C LEU C 83 -26.39 0.00 -31.94
N HIS C 84 -27.72 0.13 -32.08
CA HIS C 84 -28.53 -0.98 -32.58
C HIS C 84 -28.15 -1.36 -34.00
N GLU C 85 -27.54 -0.45 -34.75
CA GLU C 85 -27.08 -0.72 -36.11
C GLU C 85 -25.61 -1.15 -36.16
N CYS C 86 -24.91 -1.12 -35.03
CA CYS C 86 -23.50 -1.50 -34.99
C CYS C 86 -23.39 -2.98 -34.62
N ASN C 87 -23.71 -3.83 -35.59
CA ASN C 87 -23.63 -5.28 -35.45
C ASN C 87 -22.43 -5.76 -36.25
N SER C 88 -21.37 -6.16 -35.54
CA SER C 88 -20.12 -6.54 -36.19
C SER C 88 -19.38 -7.48 -35.26
N PRO C 89 -18.58 -8.43 -35.81
CA PRO C 89 -17.80 -9.31 -34.94
C PRO C 89 -16.66 -8.62 -34.22
N TYR C 90 -16.32 -7.39 -34.59
CA TYR C 90 -15.25 -6.64 -33.94
C TYR C 90 -15.78 -5.44 -33.15
N ILE C 91 -17.09 -5.38 -32.93
CA ILE C 91 -17.72 -4.34 -32.13
C ILE C 91 -18.65 -5.00 -31.13
N VAL C 92 -18.59 -4.56 -29.87
CA VAL C 92 -19.42 -5.14 -28.83
C VAL C 92 -20.88 -4.81 -29.08
N GLY C 93 -21.76 -5.77 -28.81
CA GLY C 93 -23.17 -5.59 -29.04
C GLY C 93 -23.81 -4.61 -28.06
N PHE C 94 -25.05 -4.25 -28.35
CA PHE C 94 -25.77 -3.24 -27.59
C PHE C 94 -27.19 -3.72 -27.33
N TYR C 95 -27.62 -3.66 -26.07
CA TYR C 95 -28.98 -4.04 -25.67
C TYR C 95 -29.88 -2.85 -25.42
N GLY C 96 -29.40 -1.83 -24.72
CA GLY C 96 -30.22 -0.67 -24.44
C GLY C 96 -29.51 0.25 -23.47
N ALA C 97 -30.09 1.44 -23.32
CA ALA C 97 -29.58 2.44 -22.41
C ALA C 97 -30.73 3.26 -21.86
N PHE C 98 -30.66 3.63 -20.59
CA PHE C 98 -31.75 4.36 -19.96
C PHE C 98 -31.21 5.21 -18.80
N TYR C 99 -31.95 6.27 -18.49
CA TYR C 99 -31.63 7.19 -17.43
C TYR C 99 -32.61 7.03 -16.28
N SER C 100 -32.14 7.28 -15.06
CA SER C 100 -32.99 7.26 -13.88
C SER C 100 -32.30 7.90 -12.68
N ASP C 101 -32.73 9.10 -12.32
CA ASP C 101 -32.29 9.79 -11.10
C ASP C 101 -30.79 10.04 -11.11
N GLY C 102 -30.33 10.72 -12.16
CA GLY C 102 -28.98 11.26 -12.21
C GLY C 102 -27.92 10.35 -12.82
N GLU C 103 -28.22 9.08 -13.06
CA GLU C 103 -27.23 8.17 -13.60
C GLU C 103 -27.78 7.47 -14.84
N ILE C 104 -26.90 7.26 -15.81
CA ILE C 104 -27.24 6.63 -17.09
C ILE C 104 -26.65 5.22 -17.10
N SER C 105 -27.49 4.24 -17.40
CA SER C 105 -27.08 2.84 -17.48
C SER C 105 -27.01 2.41 -18.95
N ILE C 106 -25.89 1.81 -19.33
CA ILE C 106 -25.68 1.29 -20.68
C ILE C 106 -25.49 -0.21 -20.58
N CYS C 107 -26.38 -0.97 -21.22
CA CYS C 107 -26.34 -2.43 -21.21
C CYS C 107 -25.75 -2.93 -22.52
N MET C 108 -24.71 -3.75 -22.42
CA MET C 108 -24.02 -4.28 -23.60
C MET C 108 -23.69 -5.75 -23.36
N GLU C 109 -23.12 -6.39 -24.38
CA GLU C 109 -22.79 -7.80 -24.31
C GLU C 109 -21.66 -8.04 -23.34
N HIS C 110 -21.80 -9.06 -22.50
CA HIS C 110 -20.79 -9.39 -21.52
C HIS C 110 -19.62 -10.14 -22.17
N MET C 111 -18.40 -9.74 -21.82
CA MET C 111 -17.19 -10.37 -22.32
C MET C 111 -16.47 -11.00 -21.12
N ASP C 112 -16.55 -12.32 -21.01
CA ASP C 112 -16.03 -13.03 -19.85
C ASP C 112 -14.52 -12.91 -19.70
N GLY C 113 -13.81 -12.48 -20.72
CA GLY C 113 -12.38 -12.27 -20.61
C GLY C 113 -11.96 -10.90 -20.14
N GLY C 114 -12.90 -9.94 -20.09
CA GLY C 114 -12.58 -8.61 -19.67
C GLY C 114 -11.86 -7.82 -20.74
N SER C 115 -11.19 -6.76 -20.31
CA SER C 115 -10.39 -5.94 -21.20
C SER C 115 -8.95 -6.44 -21.22
N LEU C 116 -8.24 -6.11 -22.30
CA LEU C 116 -6.83 -6.49 -22.40
C LEU C 116 -5.99 -5.82 -21.33
N ASP C 117 -6.44 -4.68 -20.79
CA ASP C 117 -5.77 -4.08 -19.64
C ASP C 117 -5.77 -5.03 -18.45
N GLN C 118 -6.87 -5.74 -18.24
CA GLN C 118 -6.92 -6.75 -17.19
C GLN C 118 -6.15 -8.01 -17.58
N VAL C 119 -6.20 -8.39 -18.86
CA VAL C 119 -5.47 -9.57 -19.31
C VAL C 119 -3.97 -9.31 -19.32
N LEU C 120 -3.55 -8.08 -19.62
CA LEU C 120 -2.13 -7.75 -19.61
C LEU C 120 -1.54 -7.86 -18.20
N LYS C 121 -2.31 -7.46 -17.19
CA LYS C 121 -1.83 -7.55 -15.81
C LYS C 121 -1.62 -8.99 -15.38
N LYS C 122 -2.39 -9.93 -15.95
CA LYS C 122 -2.25 -11.33 -15.60
C LYS C 122 -1.14 -12.00 -16.41
N ALA C 123 -1.00 -11.64 -17.68
CA ALA C 123 0.00 -12.26 -18.54
C ALA C 123 1.38 -11.64 -18.38
N GLY C 124 1.47 -10.41 -17.88
CA GLY C 124 2.74 -9.71 -17.83
C GLY C 124 3.06 -9.08 -19.17
N ARG C 125 3.18 -9.91 -20.20
CA ARG C 125 3.33 -9.45 -21.57
C ARG C 125 2.47 -10.31 -22.48
N ILE C 126 1.94 -9.68 -23.53
CA ILE C 126 1.11 -10.36 -24.52
C ILE C 126 2.02 -10.74 -25.69
N PRO C 127 2.07 -12.02 -26.08
CA PRO C 127 2.96 -12.42 -27.17
C PRO C 127 2.63 -11.71 -28.47
N GLU C 128 3.64 -11.62 -29.34
CA GLU C 128 3.48 -10.90 -30.60
C GLU C 128 2.41 -11.53 -31.48
N GLN C 129 2.37 -12.87 -31.52
CA GLN C 129 1.37 -13.56 -32.34
C GLN C 129 -0.04 -13.20 -31.89
N ILE C 130 -0.25 -13.04 -30.58
CA ILE C 130 -1.55 -12.64 -30.08
C ILE C 130 -1.85 -11.19 -30.47
N LEU C 131 -0.84 -10.33 -30.37
CA LEU C 131 -1.03 -8.92 -30.73
C LEU C 131 -1.33 -8.75 -32.22
N GLY C 132 -0.89 -9.69 -33.06
CA GLY C 132 -1.25 -9.64 -34.46
C GLY C 132 -2.74 -9.88 -34.67
N LYS C 133 -3.30 -10.87 -33.96
CA LYS C 133 -4.74 -11.07 -34.00
C LYS C 133 -5.48 -9.89 -33.40
N VAL C 134 -4.89 -9.26 -32.39
CA VAL C 134 -5.49 -8.06 -31.81
C VAL C 134 -5.44 -6.90 -32.80
N SER C 135 -4.30 -6.72 -33.47
CA SER C 135 -4.17 -5.62 -34.42
C SER C 135 -5.16 -5.76 -35.56
N ILE C 136 -5.46 -6.99 -35.98
CA ILE C 136 -6.39 -7.20 -37.08
C ILE C 136 -7.80 -6.80 -36.68
N ALA C 137 -8.22 -7.21 -35.49
CA ALA C 137 -9.59 -6.92 -35.04
C ALA C 137 -9.80 -5.42 -34.80
N VAL C 138 -8.76 -4.72 -34.35
CA VAL C 138 -8.89 -3.28 -34.13
C VAL C 138 -9.00 -2.54 -35.46
N ILE C 139 -8.19 -2.95 -36.45
CA ILE C 139 -8.25 -2.33 -37.77
C ILE C 139 -9.59 -2.62 -38.44
N LYS C 140 -10.07 -3.86 -38.33
CA LYS C 140 -11.35 -4.21 -38.91
C LYS C 140 -12.50 -3.54 -38.17
N GLY C 141 -12.39 -3.42 -36.84
CA GLY C 141 -13.43 -2.75 -36.08
C GLY C 141 -13.52 -1.27 -36.38
N LEU C 142 -12.36 -0.61 -36.53
CA LEU C 142 -12.37 0.81 -36.87
C LEU C 142 -12.87 1.02 -38.31
N THR C 143 -12.50 0.13 -39.22
CA THR C 143 -12.97 0.25 -40.60
C THR C 143 -14.48 0.08 -40.69
N TYR C 144 -15.04 -0.80 -39.85
CA TYR C 144 -16.49 -0.96 -39.82
C TYR C 144 -17.17 0.31 -39.34
N LEU C 145 -16.63 0.95 -38.31
CA LEU C 145 -17.24 2.17 -37.79
C LEU C 145 -17.10 3.34 -38.75
N ARG C 146 -16.05 3.33 -39.58
CA ARG C 146 -15.80 4.45 -40.47
C ARG C 146 -16.60 4.37 -41.76
N GLU C 147 -16.76 3.16 -42.31
CA GLU C 147 -17.45 3.01 -43.58
C GLU C 147 -18.94 2.76 -43.40
N LYS C 148 -19.32 1.96 -42.40
CA LYS C 148 -20.73 1.65 -42.20
C LYS C 148 -21.45 2.68 -41.35
N HIS C 149 -20.73 3.46 -40.53
CA HIS C 149 -21.37 4.40 -39.63
C HIS C 149 -20.72 5.79 -39.61
N LYS C 150 -19.59 5.97 -40.30
CA LYS C 150 -19.00 7.28 -40.56
C LYS C 150 -18.83 8.08 -39.27
N ILE C 151 -18.38 7.41 -38.22
CA ILE C 151 -18.03 8.07 -36.97
C ILE C 151 -16.57 7.78 -36.66
N MET C 152 -16.20 7.84 -35.38
CA MET C 152 -14.83 7.58 -34.96
C MET C 152 -14.87 6.76 -33.68
N HIS C 153 -13.69 6.39 -33.17
CA HIS C 153 -13.58 5.70 -31.90
C HIS C 153 -13.16 6.62 -30.76
N ARG C 154 -12.19 7.49 -31.00
CA ARG C 154 -11.83 8.58 -30.09
C ARG C 154 -11.23 8.12 -28.77
N ASP C 155 -11.27 6.83 -28.47
CA ASP C 155 -10.81 6.36 -27.16
C ASP C 155 -10.28 4.93 -27.25
N VAL C 156 -9.30 4.70 -28.11
CA VAL C 156 -8.71 3.37 -28.24
C VAL C 156 -7.62 3.20 -27.19
N LYS C 157 -7.70 2.14 -26.41
CA LYS C 157 -6.73 1.81 -25.40
C LYS C 157 -7.02 0.39 -24.88
N PRO C 158 -6.06 -0.24 -24.21
CA PRO C 158 -6.29 -1.60 -23.70
C PRO C 158 -7.54 -1.73 -22.84
N SER C 159 -7.92 -0.67 -22.13
CA SER C 159 -9.14 -0.71 -21.31
C SER C 159 -10.40 -0.85 -22.16
N ASN C 160 -10.33 -0.56 -23.45
CA ASN C 160 -11.48 -0.60 -24.34
C ASN C 160 -11.36 -1.67 -25.41
N ILE C 161 -10.49 -2.67 -25.20
CA ILE C 161 -10.36 -3.81 -26.10
C ILE C 161 -10.75 -5.04 -25.30
N LEU C 162 -11.94 -5.58 -25.58
CA LEU C 162 -12.50 -6.68 -24.81
C LEU C 162 -12.31 -8.01 -25.54
N VAL C 163 -12.16 -9.07 -24.74
CA VAL C 163 -12.02 -10.42 -25.25
C VAL C 163 -12.93 -11.35 -24.45
N ASN C 164 -13.15 -12.55 -24.99
CA ASN C 164 -14.01 -13.53 -24.36
C ASN C 164 -13.40 -14.92 -24.55
N SER C 165 -14.00 -15.90 -23.88
CA SER C 165 -13.48 -17.26 -23.93
C SER C 165 -13.51 -17.83 -25.35
N ARG C 166 -14.56 -17.48 -26.11
CA ARG C 166 -14.70 -18.00 -27.47
C ARG C 166 -13.66 -17.44 -28.44
N GLY C 167 -12.73 -16.62 -27.98
CA GLY C 167 -11.69 -16.07 -28.82
C GLY C 167 -12.06 -14.83 -29.60
N GLU C 168 -13.22 -14.22 -29.30
CA GLU C 168 -13.64 -13.03 -30.01
C GLU C 168 -12.90 -11.80 -29.50
N ILE C 169 -12.59 -10.88 -30.41
CA ILE C 169 -11.93 -9.63 -30.09
C ILE C 169 -12.82 -8.50 -30.60
N LYS C 170 -13.34 -7.69 -29.68
CA LYS C 170 -14.27 -6.62 -30.02
C LYS C 170 -13.85 -5.34 -29.32
N LEU C 171 -14.43 -4.23 -29.77
CA LEU C 171 -14.14 -2.91 -29.24
C LEU C 171 -15.37 -2.33 -28.55
N CYS C 172 -15.12 -1.38 -27.66
CA CYS C 172 -16.18 -0.73 -26.91
C CYS C 172 -15.76 0.69 -26.57
N ASP C 173 -16.72 1.48 -26.07
CA ASP C 173 -16.49 2.83 -25.59
C ASP C 173 -15.92 3.74 -26.69
N PHE C 174 -16.68 3.89 -27.76
CA PHE C 174 -16.33 4.85 -28.79
C PHE C 174 -17.41 5.94 -28.88
N GLY C 175 -17.08 7.01 -29.58
CA GLY C 175 -17.95 8.17 -29.64
C GLY C 175 -19.19 7.97 -30.48
N VAL C 176 -20.31 7.60 -29.84
CA VAL C 176 -21.55 7.41 -30.57
C VAL C 176 -22.52 8.53 -30.20
N SER C 177 -22.36 9.09 -29.01
CA SER C 177 -23.20 10.18 -28.54
C SER C 177 -22.31 11.41 -28.32
N GLY C 178 -22.51 12.42 -29.16
CA GLY C 178 -21.59 13.55 -29.17
C GLY C 178 -21.68 14.42 -27.94
N GLN C 179 -22.89 14.62 -27.40
CA GLN C 179 -23.03 15.40 -26.19
C GLN C 179 -22.59 14.63 -24.96
N LEU C 180 -22.79 13.30 -24.96
CA LEU C 180 -22.18 12.47 -23.94
C LEU C 180 -20.66 12.62 -23.95
N ILE C 181 -20.07 12.88 -25.12
CA ILE C 181 -18.66 13.19 -25.19
C ILE C 181 -18.37 14.50 -24.48
N ASP C 182 -19.15 15.55 -24.79
CA ASP C 182 -18.96 16.83 -24.13
C ASP C 182 -19.34 16.78 -22.66
N ALA C 183 -20.36 15.98 -22.30
CA ALA C 183 -20.73 15.84 -20.90
C ALA C 183 -19.64 15.14 -20.10
N MET C 184 -19.04 14.09 -20.66
CA MET C 184 -17.96 13.39 -19.99
C MET C 184 -16.65 14.15 -20.00
N ALA C 185 -16.59 15.31 -20.65
CA ALA C 185 -15.42 16.17 -20.51
C ALA C 185 -15.32 16.75 -19.10
N ASN C 186 -16.47 16.99 -18.47
CA ASN C 186 -16.53 17.42 -17.07
C ASN C 186 -16.20 16.21 -16.20
N ALA C 187 -14.92 15.86 -16.16
CA ALA C 187 -14.44 14.71 -15.42
C ALA C 187 -13.20 15.09 -14.63
N PHE C 188 -12.75 14.17 -13.79
CA PHE C 188 -11.59 14.41 -12.94
C PHE C 188 -10.31 14.16 -13.72
N VAL C 189 -9.18 14.54 -13.11
CA VAL C 189 -7.88 14.37 -13.75
C VAL C 189 -7.60 12.88 -13.92
N GLY C 190 -7.40 12.45 -15.15
CA GLY C 190 -7.14 11.07 -15.44
C GLY C 190 -5.79 10.61 -14.91
N THR C 191 -5.50 9.33 -15.16
CA THR C 191 -4.27 8.71 -14.68
C THR C 191 -3.29 8.38 -15.78
N ARG C 192 -3.77 8.13 -17.00
CA ARG C 192 -2.89 7.81 -18.12
C ARG C 192 -3.37 8.55 -19.37
N SER C 193 -2.49 8.60 -20.37
CA SER C 193 -2.74 9.34 -21.60
C SER C 193 -2.52 8.43 -22.80
N TYR C 194 -3.46 8.48 -23.75
CA TYR C 194 -3.36 7.72 -24.99
C TYR C 194 -3.70 8.57 -26.22
N MET C 195 -3.65 9.89 -26.08
CA MET C 195 -4.05 10.79 -27.16
C MET C 195 -2.87 11.11 -28.07
N SER C 196 -3.16 11.25 -29.36
CA SER C 196 -2.14 11.67 -30.30
C SER C 196 -1.75 13.12 -30.05
N PRO C 197 -0.51 13.51 -30.39
CA PRO C 197 -0.08 14.88 -30.08
C PRO C 197 -0.93 15.96 -30.75
N GLU C 198 -1.34 15.75 -32.01
CA GLU C 198 -2.18 16.74 -32.66
C GLU C 198 -3.56 16.80 -32.02
N ARG C 199 -4.08 15.67 -31.52
CA ARG C 199 -5.31 15.70 -30.75
C ARG C 199 -5.10 16.44 -29.43
N LEU C 200 -3.97 16.18 -28.76
CA LEU C 200 -3.65 16.90 -27.53
C LEU C 200 -3.46 18.39 -27.78
N GLN C 201 -2.78 18.73 -28.86
CA GLN C 201 -2.48 20.13 -29.17
C GLN C 201 -3.74 20.94 -29.40
N GLY C 202 -4.41 20.75 -30.54
CA GLY C 202 -5.51 21.61 -30.91
C GLY C 202 -6.73 20.91 -31.46
N THR C 203 -7.42 21.59 -32.39
CA THR C 203 -8.72 21.16 -32.89
C THR C 203 -8.62 20.16 -34.04
N HIS C 204 -7.73 20.40 -35.00
CA HIS C 204 -7.66 19.55 -36.18
C HIS C 204 -7.19 18.15 -35.81
N TYR C 205 -7.94 17.14 -36.24
CA TYR C 205 -7.61 15.74 -36.00
C TYR C 205 -8.45 14.89 -36.95
N SER C 206 -8.26 13.58 -36.87
CA SER C 206 -8.98 12.64 -37.72
C SER C 206 -8.91 11.26 -37.09
N VAL C 207 -9.42 10.26 -37.83
CA VAL C 207 -9.37 8.89 -37.38
C VAL C 207 -7.94 8.36 -37.29
N GLN C 208 -6.98 9.08 -37.86
CA GLN C 208 -5.58 8.69 -37.75
C GLN C 208 -5.09 8.68 -36.31
N SER C 209 -5.77 9.40 -35.40
CA SER C 209 -5.40 9.37 -34.00
C SER C 209 -5.77 8.04 -33.35
N ASP C 210 -6.82 7.39 -33.83
CA ASP C 210 -7.15 6.05 -33.36
C ASP C 210 -6.01 5.08 -33.64
N ILE C 211 -5.35 5.25 -34.79
CA ILE C 211 -4.20 4.41 -35.13
C ILE C 211 -3.04 4.69 -34.18
N TRP C 212 -2.85 5.95 -33.80
CA TRP C 212 -1.85 6.29 -32.79
C TRP C 212 -2.17 5.60 -31.47
N SER C 213 -3.44 5.65 -31.05
CA SER C 213 -3.80 5.12 -29.74
C SER C 213 -3.66 3.61 -29.67
N MET C 214 -3.92 2.90 -30.77
CA MET C 214 -3.67 1.46 -30.78
C MET C 214 -2.20 1.15 -30.93
N GLY C 215 -1.45 1.98 -31.66
CA GLY C 215 0.00 1.80 -31.71
C GLY C 215 0.63 1.92 -30.34
N LEU C 216 0.21 2.91 -29.55
CA LEU C 216 0.66 3.01 -28.17
C LEU C 216 0.13 1.86 -27.34
N SER C 217 -1.07 1.36 -27.66
CA SER C 217 -1.61 0.21 -26.94
C SER C 217 -0.83 -1.06 -27.25
N LEU C 218 -0.44 -1.24 -28.52
CA LEU C 218 0.33 -2.43 -28.90
C LEU C 218 1.67 -2.47 -28.18
N VAL C 219 2.36 -1.33 -28.11
CA VAL C 219 3.66 -1.29 -27.44
C VAL C 219 3.49 -1.58 -25.95
N GLU C 220 2.42 -1.05 -25.34
CA GLU C 220 2.20 -1.28 -23.92
C GLU C 220 1.93 -2.75 -23.63
N MET C 221 1.08 -3.37 -24.44
CA MET C 221 0.77 -4.78 -24.24
C MET C 221 1.90 -5.70 -24.66
N ALA C 222 2.88 -5.19 -25.42
CA ALA C 222 3.98 -6.02 -25.86
C ALA C 222 5.08 -6.10 -24.81
N VAL C 223 5.33 -5.01 -24.10
CA VAL C 223 6.34 -4.98 -23.04
C VAL C 223 5.73 -4.94 -21.65
N GLY C 224 4.40 -4.89 -21.55
CA GLY C 224 3.76 -4.93 -20.25
C GLY C 224 3.94 -3.69 -19.41
N ARG C 225 4.32 -2.58 -20.02
CA ARG C 225 4.62 -1.35 -19.29
C ARG C 225 4.10 -0.16 -20.10
N TYR C 226 3.50 0.80 -19.41
CA TYR C 226 3.07 2.02 -20.07
C TYR C 226 4.30 2.70 -20.70
N PRO C 227 4.36 2.80 -22.02
CA PRO C 227 5.66 3.06 -22.68
C PRO C 227 6.12 4.51 -22.66
N ILE C 228 5.26 5.47 -22.31
CA ILE C 228 5.62 6.88 -22.32
C ILE C 228 6.09 7.26 -20.93
N GLY C 229 7.39 7.55 -20.79
CA GLY C 229 7.95 7.94 -19.51
C GLY C 229 9.40 7.51 -19.32
N MET C 235 5.21 10.14 -13.30
CA MET C 235 4.88 11.44 -13.87
C MET C 235 3.39 11.72 -13.78
N ALA C 236 3.03 12.95 -13.44
CA ALA C 236 1.64 13.37 -13.49
C ALA C 236 1.17 13.41 -14.95
N ILE C 237 -0.16 13.49 -15.11
CA ILE C 237 -0.73 13.31 -16.44
C ILE C 237 -0.28 14.43 -17.39
N PHE C 238 -0.17 15.66 -16.88
CA PHE C 238 0.24 16.77 -17.74
C PHE C 238 1.63 16.55 -18.31
N GLU C 239 2.56 16.03 -17.50
CA GLU C 239 3.90 15.74 -18.00
C GLU C 239 3.84 14.69 -19.11
N LEU C 240 2.93 13.71 -18.98
CA LEU C 240 2.74 12.74 -20.05
C LEU C 240 2.20 13.43 -21.31
N LEU C 241 1.23 14.34 -21.14
CA LEU C 241 0.68 15.05 -22.28
C LEU C 241 1.75 15.89 -22.98
N ASP C 242 2.61 16.55 -22.20
CA ASP C 242 3.71 17.31 -22.78
C ASP C 242 4.69 16.40 -23.49
N TYR C 243 4.92 15.20 -22.96
CA TYR C 243 5.83 14.27 -23.61
C TYR C 243 5.30 13.79 -24.95
N ILE C 244 3.99 13.52 -25.02
CA ILE C 244 3.39 13.10 -26.30
C ILE C 244 3.53 14.21 -27.33
N VAL C 245 3.31 15.45 -26.92
CA VAL C 245 3.37 16.57 -27.86
C VAL C 245 4.81 16.84 -28.28
N ASN C 246 5.74 16.82 -27.32
CA ASN C 246 7.13 17.14 -27.64
C ASN C 246 7.89 15.91 -28.16
N GLU C 247 8.19 14.97 -27.27
CA GLU C 247 9.16 13.93 -27.54
C GLU C 247 8.70 13.01 -28.67
N PRO C 248 9.65 12.33 -29.33
CA PRO C 248 9.28 11.32 -30.33
C PRO C 248 8.59 10.13 -29.68
N PRO C 249 7.88 9.31 -30.46
CA PRO C 249 7.07 8.24 -29.86
C PRO C 249 7.94 7.10 -29.36
N PRO C 250 7.38 6.22 -28.53
CA PRO C 250 8.12 5.02 -28.10
C PRO C 250 8.13 3.96 -29.20
N LYS C 251 9.00 2.98 -29.01
CA LYS C 251 9.11 1.87 -29.94
C LYS C 251 9.55 0.63 -29.20
N LEU C 252 9.25 -0.53 -29.79
CA LEU C 252 9.63 -1.79 -29.17
C LEU C 252 11.14 -2.00 -29.26
N PRO C 253 11.71 -2.76 -28.32
CA PRO C 253 13.13 -3.08 -28.40
C PRO C 253 13.47 -3.84 -29.66
N SER C 254 14.76 -3.82 -30.01
CA SER C 254 15.20 -4.33 -31.31
C SER C 254 15.29 -5.85 -31.33
N GLY C 255 15.90 -6.44 -30.30
CA GLY C 255 16.22 -7.86 -30.36
C GLY C 255 15.03 -8.78 -30.20
N VAL C 256 14.03 -8.37 -29.43
CA VAL C 256 12.94 -9.28 -29.06
C VAL C 256 11.95 -9.44 -30.21
N PHE C 257 11.34 -8.34 -30.64
CA PHE C 257 10.22 -8.40 -31.57
C PHE C 257 10.69 -8.38 -33.02
N SER C 258 9.83 -8.87 -33.90
CA SER C 258 10.15 -8.96 -35.32
C SER C 258 10.15 -7.57 -35.95
N LEU C 259 10.95 -7.43 -37.01
CA LEU C 259 11.05 -6.14 -37.69
C LEU C 259 9.75 -5.76 -38.37
N GLU C 260 8.93 -6.74 -38.75
CA GLU C 260 7.61 -6.45 -39.29
C GLU C 260 6.74 -5.77 -38.23
N PHE C 261 6.68 -6.36 -37.04
CA PHE C 261 5.92 -5.76 -35.94
C PHE C 261 6.55 -4.45 -35.48
N GLN C 262 7.89 -4.35 -35.55
CA GLN C 262 8.55 -3.10 -35.24
C GLN C 262 8.16 -2.00 -36.22
N ASP C 263 8.15 -2.33 -37.52
CA ASP C 263 7.79 -1.33 -38.53
C ASP C 263 6.31 -0.98 -38.44
N PHE C 264 5.48 -1.89 -37.93
CA PHE C 264 4.05 -1.62 -37.83
C PHE C 264 3.76 -0.54 -36.80
N VAL C 265 4.35 -0.67 -35.60
CA VAL C 265 4.08 0.30 -34.54
C VAL C 265 4.73 1.64 -34.85
N ASN C 266 5.86 1.65 -35.56
CA ASN C 266 6.52 2.90 -35.90
C ASN C 266 5.69 3.72 -36.88
N LYS C 267 5.10 3.07 -37.89
CA LYS C 267 4.24 3.77 -38.82
C LYS C 267 2.89 4.13 -38.19
N CYS C 268 2.51 3.46 -37.11
CA CYS C 268 1.30 3.80 -36.37
C CYS C 268 1.54 4.85 -35.30
N LEU C 269 2.79 5.08 -34.91
CA LEU C 269 3.12 6.10 -33.92
C LEU C 269 3.85 7.29 -34.54
N ILE C 270 3.87 7.38 -35.87
CA ILE C 270 4.39 8.58 -36.52
C ILE C 270 3.53 9.76 -36.12
N LYS C 271 4.18 10.83 -35.65
CA LYS C 271 3.46 11.92 -35.00
C LYS C 271 2.58 12.69 -35.98
N ASN C 272 3.05 12.87 -37.21
CA ASN C 272 2.26 13.60 -38.20
C ASN C 272 1.12 12.70 -38.71
N PRO C 273 -0.13 13.14 -38.63
CA PRO C 273 -1.23 12.28 -39.08
C PRO C 273 -1.27 12.04 -40.57
N ALA C 274 -0.59 12.87 -41.37
CA ALA C 274 -0.57 12.67 -42.81
C ALA C 274 0.46 11.62 -43.23
N GLU C 275 1.61 11.60 -42.56
CA GLU C 275 2.60 10.57 -42.80
C GLU C 275 2.26 9.25 -42.12
N ARG C 276 1.46 9.30 -41.05
CA ARG C 276 1.02 8.09 -40.38
C ARG C 276 0.12 7.27 -41.30
N ALA C 277 0.16 5.95 -41.12
CA ALA C 277 -0.58 5.05 -42.00
C ALA C 277 -2.08 5.18 -41.78
N ASP C 278 -2.84 4.92 -42.84
CA ASP C 278 -4.28 4.86 -42.81
C ASP C 278 -4.72 3.41 -42.66
N LEU C 279 -6.03 3.22 -42.38
CA LEU C 279 -6.57 1.88 -42.27
C LEU C 279 -6.43 1.09 -43.56
N LYS C 280 -6.30 1.77 -44.70
CA LYS C 280 -6.09 1.07 -45.97
C LYS C 280 -4.66 0.56 -46.10
N GLN C 281 -3.69 1.32 -45.59
CA GLN C 281 -2.29 0.91 -45.69
C GLN C 281 -1.95 -0.19 -44.70
N LEU C 282 -2.49 -0.10 -43.47
CA LEU C 282 -2.19 -1.10 -42.46
C LEU C 282 -2.81 -2.46 -42.81
N MET C 283 -3.94 -2.46 -43.52
CA MET C 283 -4.56 -3.71 -43.93
C MET C 283 -3.61 -4.55 -44.77
N VAL C 284 -2.79 -3.89 -45.60
CA VAL C 284 -1.91 -4.60 -46.53
C VAL C 284 -0.47 -4.45 -46.08
N HIS C 285 -0.25 -4.32 -44.77
CA HIS C 285 1.09 -4.25 -44.21
C HIS C 285 1.63 -5.66 -43.99
N ALA C 286 2.97 -5.75 -43.95
CA ALA C 286 3.61 -7.06 -43.84
C ALA C 286 3.24 -7.78 -42.54
N PHE C 287 3.11 -7.02 -41.45
CA PHE C 287 2.80 -7.65 -40.16
C PHE C 287 1.37 -8.15 -40.11
N ILE C 288 0.44 -7.48 -40.79
CA ILE C 288 -0.97 -7.86 -40.71
C ILE C 288 -1.24 -9.11 -41.53
N LYS C 289 -0.73 -9.16 -42.75
CA LYS C 289 -0.95 -10.32 -43.60
C LYS C 289 -0.25 -11.56 -43.07
N ARG C 290 0.85 -11.37 -42.33
CA ARG C 290 1.57 -12.50 -41.77
C ARG C 290 0.78 -13.19 -40.66
N SER C 291 0.28 -12.40 -39.70
CA SER C 291 -0.43 -12.99 -38.57
C SER C 291 -1.79 -13.54 -38.97
N ASP C 292 -2.44 -12.94 -39.97
CA ASP C 292 -3.69 -13.51 -40.47
C ASP C 292 -3.48 -14.91 -41.01
N ALA C 293 -2.31 -15.17 -41.61
CA ALA C 293 -1.99 -16.52 -42.06
C ALA C 293 -1.68 -17.44 -40.89
N GLU C 294 -1.18 -16.90 -39.78
CA GLU C 294 -0.81 -17.71 -38.64
C GLU C 294 -2.04 -18.36 -38.02
N GLU C 295 -1.86 -19.58 -37.53
CA GLU C 295 -2.91 -20.32 -36.82
C GLU C 295 -2.53 -20.33 -35.34
N VAL C 296 -3.11 -19.40 -34.58
CA VAL C 296 -2.83 -19.24 -33.17
C VAL C 296 -4.08 -19.59 -32.38
N ASP C 297 -3.91 -20.38 -31.32
CA ASP C 297 -5.01 -20.77 -30.43
C ASP C 297 -5.25 -19.62 -29.45
N PHE C 298 -6.02 -18.63 -29.91
CA PHE C 298 -6.28 -17.45 -29.09
C PHE C 298 -7.23 -17.78 -27.92
N ALA C 299 -8.26 -18.59 -28.19
CA ALA C 299 -9.19 -18.96 -27.13
C ALA C 299 -8.50 -19.75 -26.03
N GLY C 300 -7.59 -20.65 -26.40
CA GLY C 300 -6.88 -21.43 -25.39
C GLY C 300 -5.91 -20.59 -24.59
N TRP C 301 -5.22 -19.66 -25.24
CA TRP C 301 -4.27 -18.80 -24.54
C TRP C 301 -4.98 -17.89 -23.54
N LEU C 302 -6.22 -17.48 -23.84
CA LEU C 302 -6.98 -16.63 -22.93
C LEU C 302 -7.55 -17.44 -21.77
N CYS C 303 -8.18 -18.56 -22.07
CA CYS C 303 -8.77 -19.41 -21.03
C CYS C 303 -7.70 -20.10 -20.20
N GLY D 4 -12.59 17.52 20.68
CA GLY D 4 -12.47 16.60 19.56
C GLY D 4 -13.44 15.45 19.62
N ASP D 5 -13.22 14.53 20.57
CA ASP D 5 -14.09 13.38 20.72
C ASP D 5 -15.48 13.75 21.19
N ASP D 6 -15.67 14.96 21.73
CA ASP D 6 -17.00 15.40 22.16
C ASP D 6 -17.95 15.57 20.98
N TRP D 7 -17.46 15.51 19.74
CA TRP D 7 -18.32 15.58 18.57
C TRP D 7 -18.70 14.21 18.03
N GLU D 8 -18.17 13.13 18.59
CA GLU D 8 -18.58 11.79 18.16
C GLU D 8 -20.01 11.52 18.61
N VAL D 9 -20.78 10.88 17.74
CA VAL D 9 -22.18 10.59 17.98
C VAL D 9 -22.37 9.08 17.93
N PRO D 10 -22.98 8.46 18.95
CA PRO D 10 -23.25 7.02 18.89
C PRO D 10 -24.27 6.70 17.82
N PRO D 11 -24.12 5.58 17.12
CA PRO D 11 -25.09 5.23 16.07
C PRO D 11 -26.50 5.01 16.60
N SER D 12 -26.66 4.75 17.90
CA SER D 12 -28.00 4.54 18.45
C SER D 12 -28.82 5.83 18.43
N GLU D 13 -28.16 6.99 18.46
CA GLU D 13 -28.85 8.27 18.45
C GLU D 13 -29.24 8.74 17.06
N VAL D 14 -28.67 8.15 16.00
CA VAL D 14 -28.84 8.63 14.64
C VAL D 14 -29.81 7.71 13.91
N GLN D 15 -30.72 8.30 13.15
CA GLN D 15 -31.61 7.57 12.26
C GLN D 15 -31.35 7.99 10.82
N LEU D 16 -31.27 7.01 9.93
CA LEU D 16 -31.11 7.28 8.50
C LEU D 16 -32.44 7.09 7.78
N LEU D 17 -32.74 8.02 6.88
CA LEU D 17 -33.98 7.97 6.12
C LEU D 17 -33.69 7.72 4.64
N LYS D 18 -34.03 8.69 3.78
CA LYS D 18 -33.94 8.50 2.35
C LYS D 18 -32.52 8.68 1.84
N ARG D 19 -32.09 7.76 0.98
CA ARG D 19 -30.79 7.90 0.31
C ARG D 19 -30.86 9.01 -0.72
N ILE D 20 -29.90 9.93 -0.66
CA ILE D 20 -29.89 11.10 -1.54
C ILE D 20 -29.00 10.88 -2.76
N GLY D 21 -27.90 10.17 -2.60
CA GLY D 21 -27.01 9.90 -3.71
C GLY D 21 -25.61 9.61 -3.23
N THR D 22 -24.74 9.32 -4.19
CA THR D 22 -23.34 9.02 -3.91
C THR D 22 -22.42 10.03 -4.58
N GLY D 26 -18.65 9.71 -0.34
CA GLY D 26 -19.47 8.52 -0.23
C GLY D 26 -20.94 8.77 -0.49
N THR D 27 -21.80 8.14 0.31
CA THR D 27 -23.25 8.24 0.15
C THR D 27 -23.82 9.18 1.20
N VAL D 28 -24.79 10.00 0.79
CA VAL D 28 -25.42 10.98 1.65
C VAL D 28 -26.85 10.52 1.93
N PHE D 29 -27.23 10.55 3.20
CA PHE D 29 -28.60 10.28 3.64
C PHE D 29 -29.17 11.51 4.33
N ARG D 30 -30.45 11.76 4.12
CA ARG D 30 -31.21 12.61 5.02
C ARG D 30 -31.49 11.81 6.28
N GLY D 31 -31.17 12.39 7.44
CA GLY D 31 -31.25 11.67 8.68
C GLY D 31 -31.89 12.51 9.78
N ARG D 32 -31.96 11.90 10.97
CA ARG D 32 -32.51 12.56 12.15
C ARG D 32 -31.50 12.45 13.28
N TRP D 33 -31.01 13.60 13.74
CA TRP D 33 -30.22 13.67 14.97
C TRP D 33 -30.40 15.09 15.52
N HIS D 34 -31.30 15.23 16.49
CA HIS D 34 -31.75 16.53 16.97
C HIS D 34 -32.27 17.38 15.82
N GLY D 35 -33.15 16.78 15.04
CA GLY D 35 -33.74 17.42 13.87
C GLY D 35 -33.19 16.86 12.58
N ASP D 36 -33.57 17.50 11.49
CA ASP D 36 -33.08 17.10 10.17
C ASP D 36 -31.58 17.32 10.07
N VAL D 37 -30.88 16.30 9.56
CA VAL D 37 -29.43 16.38 9.36
C VAL D 37 -29.09 15.69 8.05
N ALA D 38 -27.85 15.85 7.63
CA ALA D 38 -27.28 15.13 6.50
C ALA D 38 -26.18 14.23 7.02
N VAL D 39 -26.19 12.96 6.61
CA VAL D 39 -25.22 11.97 7.06
C VAL D 39 -24.49 11.44 5.82
N LYS D 40 -23.20 11.76 5.73
CA LYS D 40 -22.36 11.28 4.64
C LYS D 40 -21.55 10.09 5.14
N VAL D 41 -21.86 8.91 4.63
CA VAL D 41 -21.17 7.69 5.01
C VAL D 41 -19.98 7.52 4.08
N LEU D 42 -18.78 7.76 4.60
CA LEU D 42 -17.56 7.69 3.82
C LEU D 42 -17.15 6.23 3.58
N SER D 45 -15.70 -0.54 5.59
CA SER D 45 -15.99 0.16 6.83
C SER D 45 -14.76 0.18 7.74
N GLN D 46 -13.96 -0.87 7.67
CA GLN D 46 -12.68 -0.88 8.36
C GLN D 46 -11.72 0.05 7.63
N PRO D 47 -11.31 1.17 8.22
CA PRO D 47 -10.56 2.17 7.47
C PRO D 47 -9.11 1.76 7.24
N THR D 48 -8.62 2.05 6.04
CA THR D 48 -7.20 1.90 5.77
C THR D 48 -6.42 2.98 6.52
N ALA D 49 -5.13 2.73 6.71
CA ALA D 49 -4.32 3.58 7.59
C ALA D 49 -4.30 5.03 7.14
N GLU D 50 -4.44 5.28 5.84
CA GLU D 50 -4.40 6.64 5.31
C GLU D 50 -5.77 7.31 5.34
N GLN D 51 -6.83 6.58 4.99
CA GLN D 51 -8.16 7.17 5.00
C GLN D 51 -8.58 7.59 6.40
N ALA D 52 -8.04 6.93 7.43
CA ALA D 52 -8.23 7.40 8.79
C ALA D 52 -7.61 8.78 8.99
N GLN D 53 -6.40 8.98 8.46
CA GLN D 53 -5.80 10.31 8.49
C GLN D 53 -6.55 11.29 7.61
N ALA D 54 -7.20 10.79 6.55
CA ALA D 54 -8.03 11.65 5.71
C ALA D 54 -9.29 12.09 6.43
N PHE D 55 -10.06 11.13 6.97
CA PHE D 55 -11.20 11.46 7.80
C PHE D 55 -10.79 12.32 8.98
N LYS D 56 -9.58 12.11 9.51
CA LYS D 56 -9.04 12.98 10.54
C LYS D 56 -8.85 14.41 10.05
N ASN D 57 -8.82 14.62 8.73
CA ASN D 57 -8.62 15.95 8.18
C ASN D 57 -9.93 16.65 7.86
N GLU D 58 -10.81 16.00 7.08
CA GLU D 58 -12.09 16.62 6.76
C GLU D 58 -12.85 16.97 8.04
N MET D 59 -12.74 16.12 9.05
CA MET D 59 -13.36 16.43 10.34
C MET D 59 -12.61 17.55 11.05
N GLN D 60 -11.27 17.52 11.01
CA GLN D 60 -10.49 18.57 11.66
C GLN D 60 -10.67 19.91 10.95
N VAL D 61 -10.75 19.88 9.61
CA VAL D 61 -11.04 21.11 8.88
C VAL D 61 -12.43 21.63 9.24
N LEU D 62 -13.43 20.74 9.24
CA LEU D 62 -14.78 21.15 9.58
C LEU D 62 -14.89 21.63 11.02
N ARG D 63 -14.09 21.06 11.93
CA ARG D 63 -14.12 21.48 13.32
C ARG D 63 -13.60 22.90 13.51
N LYS D 64 -12.87 23.44 12.52
CA LYS D 64 -12.33 24.79 12.60
C LYS D 64 -13.21 25.82 11.91
N THR D 65 -14.36 25.43 11.38
CA THR D 65 -15.23 26.31 10.63
C THR D 65 -16.45 26.67 11.47
N ARG D 66 -16.63 27.97 11.73
CA ARG D 66 -17.82 28.51 12.39
C ARG D 66 -18.19 29.78 11.64
N HIS D 67 -18.89 29.61 10.52
CA HIS D 67 -19.24 30.73 9.65
C HIS D 67 -20.55 30.40 8.94
N VAL D 68 -21.37 31.44 8.72
CA VAL D 68 -22.70 31.23 8.16
C VAL D 68 -22.64 30.76 6.71
N ASN D 69 -21.52 30.98 6.02
CA ASN D 69 -21.38 30.57 4.62
C ASN D 69 -20.64 29.25 4.47
N ILE D 70 -20.35 28.56 5.57
CA ILE D 70 -19.73 27.24 5.54
C ILE D 70 -20.73 26.23 6.08
N LEU D 71 -20.80 25.07 5.42
CA LEU D 71 -21.73 24.02 5.84
C LEU D 71 -21.46 23.64 7.29
N LEU D 72 -22.52 23.61 8.09
CA LEU D 72 -22.39 23.44 9.54
C LEU D 72 -22.08 21.99 9.87
N PHE D 73 -20.85 21.73 10.29
CA PHE D 73 -20.49 20.44 10.85
C PHE D 73 -21.17 20.25 12.20
N MET D 74 -21.72 19.06 12.43
CA MET D 74 -22.43 18.78 13.67
C MET D 74 -21.86 17.61 14.46
N GLY D 75 -21.24 16.64 13.80
CA GLY D 75 -20.67 15.51 14.51
C GLY D 75 -20.19 14.46 13.53
N PHE D 76 -19.63 13.39 14.10
CA PHE D 76 -19.14 12.29 13.28
C PHE D 76 -19.44 10.97 13.98
N MET D 77 -19.54 9.91 13.19
CA MET D 77 -19.79 8.56 13.66
C MET D 77 -18.64 7.66 13.23
N THR D 78 -18.27 6.73 14.12
CA THR D 78 -17.20 5.78 13.84
C THR D 78 -17.71 4.37 13.61
N ARG D 79 -19.01 4.12 13.76
CA ARG D 79 -19.58 2.80 13.59
C ARG D 79 -20.91 2.89 12.86
N PRO D 80 -21.20 1.99 11.92
CA PRO D 80 -20.37 0.85 11.45
C PRO D 80 -19.11 1.31 10.73
N GLY D 81 -19.17 2.48 10.09
CA GLY D 81 -18.00 3.08 9.48
C GLY D 81 -17.91 4.55 9.83
N PHE D 82 -16.90 5.20 9.24
CA PHE D 82 -16.76 6.64 9.40
C PHE D 82 -17.88 7.36 8.68
N ALA D 83 -18.46 8.36 9.36
CA ALA D 83 -19.56 9.14 8.79
C ALA D 83 -19.50 10.54 9.37
N ILE D 84 -19.97 11.51 8.58
CA ILE D 84 -19.98 12.92 8.95
C ILE D 84 -21.42 13.41 8.97
N ILE D 85 -21.79 14.11 10.04
CA ILE D 85 -23.13 14.65 10.21
C ILE D 85 -23.05 16.17 10.07
N THR D 86 -23.88 16.71 9.18
CA THR D 86 -23.96 18.15 8.97
C THR D 86 -25.42 18.59 9.01
N GLN D 87 -25.62 19.90 8.94
CA GLN D 87 -26.97 20.45 8.84
C GLN D 87 -27.63 19.97 7.55
N TRP D 88 -28.96 19.92 7.57
CA TRP D 88 -29.72 19.61 6.37
C TRP D 88 -30.10 20.91 5.67
N CYS D 89 -29.59 21.10 4.46
CA CYS D 89 -29.87 22.29 3.68
C CYS D 89 -31.11 22.07 2.83
N GLU D 90 -32.04 23.02 2.90
CA GLU D 90 -33.26 22.99 2.10
C GLU D 90 -33.04 23.77 0.82
N GLY D 91 -33.33 23.13 -0.32
CA GLY D 91 -33.15 23.74 -1.62
C GLY D 91 -32.31 22.87 -2.53
N SER D 92 -31.42 23.49 -3.30
CA SER D 92 -30.63 22.78 -4.28
C SER D 92 -29.23 23.38 -4.33
N SER D 93 -28.33 22.69 -5.03
CA SER D 93 -26.99 23.20 -5.24
C SER D 93 -27.01 24.29 -6.31
N LEU D 94 -25.96 25.11 -6.32
CA LEU D 94 -25.84 26.13 -7.34
C LEU D 94 -25.71 25.52 -8.73
N TYR D 95 -25.05 24.37 -8.83
CA TYR D 95 -24.99 23.64 -10.09
C TYR D 95 -26.39 23.28 -10.58
N HIS D 96 -27.25 22.80 -9.67
CA HIS D 96 -28.61 22.44 -10.04
C HIS D 96 -29.40 23.67 -10.47
N HIS D 97 -29.24 24.79 -9.76
CA HIS D 97 -29.95 26.01 -10.11
C HIS D 97 -29.55 26.55 -11.48
N LEU D 98 -28.27 26.43 -11.84
CA LEU D 98 -27.74 27.03 -13.06
C LEU D 98 -27.75 26.10 -14.26
N HIS D 99 -27.45 24.81 -14.07
CA HIS D 99 -27.23 23.89 -15.18
C HIS D 99 -28.28 22.79 -15.28
N VAL D 100 -29.34 22.84 -14.48
CA VAL D 100 -30.36 21.80 -14.51
C VAL D 100 -31.75 22.42 -14.53
N ALA D 101 -32.09 23.17 -13.48
CA ALA D 101 -33.44 23.70 -13.33
C ALA D 101 -33.66 25.00 -14.08
N ASP D 102 -32.59 25.66 -14.55
CA ASP D 102 -32.70 26.94 -15.25
C ASP D 102 -33.44 27.96 -14.39
N THR D 103 -32.90 28.19 -13.19
CA THR D 103 -33.54 29.07 -12.21
C THR D 103 -33.36 30.53 -12.60
N ARG D 104 -34.45 31.29 -12.53
CA ARG D 104 -34.43 32.71 -12.89
C ARG D 104 -33.80 33.50 -11.76
N PHE D 105 -32.59 33.99 -11.97
CA PHE D 105 -31.86 34.76 -10.96
C PHE D 105 -31.65 36.19 -11.47
N ASP D 106 -31.97 37.17 -10.63
CA ASP D 106 -31.64 38.54 -10.94
C ASP D 106 -30.14 38.76 -10.87
N MET D 107 -29.68 39.86 -11.48
CA MET D 107 -28.26 40.19 -11.42
C MET D 107 -27.83 40.54 -10.00
N VAL D 108 -28.71 41.17 -9.22
CA VAL D 108 -28.39 41.49 -7.84
C VAL D 108 -28.24 40.22 -7.02
N GLN D 109 -28.99 39.16 -7.35
CA GLN D 109 -28.85 37.90 -6.64
C GLN D 109 -27.56 37.19 -7.03
N LEU D 110 -27.24 37.17 -8.33
CA LEU D 110 -26.01 36.52 -8.78
C LEU D 110 -24.78 37.17 -8.14
N ILE D 111 -24.79 38.49 -8.03
CA ILE D 111 -23.69 39.18 -7.34
C ILE D 111 -23.69 38.84 -5.87
N ASP D 112 -24.88 38.67 -5.27
CA ASP D 112 -24.97 38.34 -3.86
C ASP D 112 -24.45 36.93 -3.59
N VAL D 113 -24.78 35.98 -4.47
CA VAL D 113 -24.23 34.63 -4.34
C VAL D 113 -22.73 34.65 -4.52
N ALA D 114 -22.25 35.47 -5.46
CA ALA D 114 -20.80 35.64 -5.63
C ALA D 114 -20.17 36.25 -4.38
N ARG D 115 -20.88 37.18 -3.74
CA ARG D 115 -20.35 37.81 -2.53
C ARG D 115 -20.31 36.83 -1.37
N GLN D 116 -21.39 36.06 -1.18
CA GLN D 116 -21.43 35.11 -0.07
C GLN D 116 -20.40 34.00 -0.25
N THR D 117 -20.20 33.54 -1.50
CA THR D 117 -19.19 32.52 -1.74
C THR D 117 -17.80 33.06 -1.44
N ALA D 118 -17.52 34.30 -1.83
CA ALA D 118 -16.25 34.92 -1.46
C ALA D 118 -16.16 35.15 0.04
N GLN D 119 -17.30 35.36 0.71
CA GLN D 119 -17.29 35.54 2.15
C GLN D 119 -16.85 34.25 2.86
N GLY D 120 -17.38 33.11 2.43
CA GLY D 120 -17.00 31.85 3.03
C GLY D 120 -15.56 31.47 2.71
N MET D 121 -15.13 31.69 1.46
CA MET D 121 -13.76 31.37 1.09
C MET D 121 -12.76 32.26 1.83
N ASP D 122 -13.10 33.53 2.00
CA ASP D 122 -12.22 34.43 2.77
C ASP D 122 -12.08 33.95 4.20
N TYR D 123 -13.16 33.40 4.78
CA TYR D 123 -13.07 32.84 6.12
C TYR D 123 -12.16 31.61 6.14
N LEU D 124 -12.29 30.74 5.14
CA LEU D 124 -11.46 29.55 5.09
C LEU D 124 -9.98 29.91 4.97
N HIS D 125 -9.65 30.86 4.09
CA HIS D 125 -8.25 31.23 3.90
C HIS D 125 -7.69 31.95 5.12
N ALA D 126 -8.52 32.70 5.85
CA ALA D 126 -8.06 33.31 7.09
C ALA D 126 -7.71 32.26 8.12
N LYS D 127 -8.34 31.09 8.04
CA LYS D 127 -8.03 29.95 8.89
C LYS D 127 -6.98 29.03 8.27
N ASN D 128 -6.29 29.48 7.22
CA ASN D 128 -5.28 28.68 6.52
C ASN D 128 -5.87 27.38 5.98
N ILE D 129 -7.08 27.47 5.43
CA ILE D 129 -7.76 26.32 4.83
C ILE D 129 -7.80 26.52 3.33
N ILE D 130 -7.20 25.59 2.59
CA ILE D 130 -7.32 25.53 1.13
C ILE D 130 -8.37 24.47 0.83
N HIS D 131 -9.52 24.90 0.29
CA HIS D 131 -10.62 23.97 0.06
C HIS D 131 -10.23 22.89 -0.93
N ARG D 132 -9.47 23.24 -1.96
CA ARG D 132 -8.91 22.35 -2.98
C ARG D 132 -9.96 21.72 -3.89
N ASP D 133 -11.25 22.00 -3.70
CA ASP D 133 -12.27 21.34 -4.51
C ASP D 133 -13.53 22.20 -4.59
N LEU D 134 -13.35 23.52 -4.68
CA LEU D 134 -14.49 24.41 -4.82
C LEU D 134 -15.09 24.28 -6.21
N LYS D 135 -16.38 23.97 -6.26
CA LYS D 135 -17.11 23.88 -7.53
C LYS D 135 -18.57 24.17 -7.25
N SER D 136 -19.34 24.37 -8.33
CA SER D 136 -20.74 24.74 -8.17
C SER D 136 -21.55 23.63 -7.52
N ASN D 137 -21.12 22.37 -7.67
CA ASN D 137 -21.82 21.28 -7.02
C ASN D 137 -21.69 21.34 -5.50
N ASN D 138 -20.59 21.90 -5.01
CA ASN D 138 -20.31 21.98 -3.58
C ASN D 138 -20.75 23.30 -2.96
N ILE D 139 -21.58 24.06 -3.66
CA ILE D 139 -22.15 25.31 -3.16
C ILE D 139 -23.66 25.14 -3.12
N PHE D 140 -24.24 25.20 -1.92
CA PHE D 140 -25.66 24.97 -1.70
C PHE D 140 -26.33 26.28 -1.31
N LEU D 141 -27.50 26.54 -1.91
CA LEU D 141 -28.29 27.73 -1.61
C LEU D 141 -29.38 27.31 -0.62
N HIS D 142 -29.05 27.43 0.67
CA HIS D 142 -29.98 27.05 1.72
C HIS D 142 -31.14 28.03 1.80
N GLU D 143 -32.36 27.50 1.74
CA GLU D 143 -33.60 28.30 1.70
C GLU D 143 -33.59 29.30 0.56
N GLY D 144 -32.84 29.01 -0.50
CA GLY D 144 -32.77 29.90 -1.65
C GLY D 144 -32.18 31.25 -1.36
N LEU D 145 -31.34 31.37 -0.32
CA LEU D 145 -30.84 32.67 0.08
C LEU D 145 -29.38 32.64 0.52
N THR D 146 -29.03 31.69 1.38
CA THR D 146 -27.73 31.68 2.04
C THR D 146 -26.82 30.64 1.40
N VAL D 147 -25.64 31.09 0.97
CA VAL D 147 -24.65 30.18 0.39
C VAL D 147 -24.04 29.32 1.49
N LYS D 148 -23.93 28.02 1.23
CA LYS D 148 -23.31 27.08 2.15
C LYS D 148 -22.28 26.26 1.37
N ILE D 149 -21.00 26.46 1.67
CA ILE D 149 -19.91 25.77 0.99
C ILE D 149 -19.65 24.44 1.70
N GLY D 150 -19.58 23.37 0.92
CA GLY D 150 -19.38 22.05 1.50
C GLY D 150 -18.33 21.21 0.79
N ASP D 151 -18.31 19.92 1.09
CA ASP D 151 -17.37 18.94 0.52
C ASP D 151 -15.92 19.36 0.82
N PHE D 152 -15.54 19.14 2.07
CA PHE D 152 -14.18 19.40 2.53
C PHE D 152 -13.33 18.14 2.59
N GLY D 153 -13.72 17.09 1.86
CA GLY D 153 -12.97 15.85 1.87
C GLY D 153 -11.55 15.99 1.34
N LEU D 154 -11.29 17.02 0.54
CA LEU D 154 -9.96 17.28 0.00
C LEU D 154 -9.32 18.51 0.61
N ALA D 155 -9.99 19.18 1.54
CA ALA D 155 -9.45 20.39 2.15
C ALA D 155 -8.21 20.07 2.97
N THR D 156 -7.41 21.11 3.22
CA THR D 156 -6.17 20.94 3.95
C THR D 156 -5.92 22.16 4.82
N VAL D 157 -5.12 21.95 5.88
CA VAL D 157 -4.74 23.02 6.80
C VAL D 157 -3.23 23.22 6.70
N LYS D 158 -2.79 24.42 7.07
CA LYS D 158 -1.39 24.77 7.01
C LYS D 158 -0.92 25.42 8.32
N SER D 173 -13.37 17.86 -10.51
CA SER D 173 -13.27 17.81 -11.97
C SER D 173 -12.25 18.82 -12.49
N VAL D 174 -12.07 18.86 -13.80
CA VAL D 174 -11.08 19.76 -14.40
C VAL D 174 -11.64 21.13 -14.77
N LEU D 175 -12.97 21.28 -14.82
CA LEU D 175 -13.54 22.56 -15.24
C LEU D 175 -13.22 23.68 -14.26
N TRP D 176 -13.01 23.34 -12.99
CA TRP D 176 -12.68 24.32 -11.96
C TRP D 176 -11.21 24.27 -11.54
N MET D 177 -10.37 23.57 -12.29
CA MET D 177 -8.98 23.38 -11.90
C MET D 177 -8.08 24.44 -12.55
N ALA D 178 -7.26 25.08 -11.72
CA ALA D 178 -6.25 25.99 -12.23
C ALA D 178 -5.20 25.23 -13.03
N ALA D 179 -4.48 25.96 -13.88
CA ALA D 179 -3.49 25.33 -14.74
C ALA D 179 -2.31 24.81 -13.94
N GLU D 180 -1.87 25.55 -12.92
CA GLU D 180 -0.72 25.11 -12.13
C GLU D 180 -1.03 23.84 -11.34
N VAL D 181 -2.30 23.63 -10.97
CA VAL D 181 -2.68 22.39 -10.33
C VAL D 181 -2.77 21.26 -11.34
N ILE D 182 -3.21 21.55 -12.57
CA ILE D 182 -3.27 20.54 -13.61
C ILE D 182 -1.88 20.11 -14.06
N ARG D 183 -0.87 20.97 -13.90
CA ARG D 183 0.49 20.62 -14.29
C ARG D 183 1.23 19.83 -13.22
N MET D 184 1.00 20.15 -11.93
CA MET D 184 1.62 19.45 -10.81
C MET D 184 3.15 19.46 -10.92
N GLN D 185 3.71 20.64 -11.18
CA GLN D 185 5.16 20.77 -11.33
C GLN D 185 5.69 21.96 -10.53
N ASP D 186 4.86 22.98 -10.37
CA ASP D 186 5.30 24.20 -9.73
C ASP D 186 5.30 24.06 -8.21
N PRO D 187 6.12 24.85 -7.51
CA PRO D 187 6.18 24.74 -6.04
C PRO D 187 4.83 25.02 -5.40
N ASN D 188 4.34 24.02 -4.65
CA ASN D 188 3.07 24.07 -3.94
C ASN D 188 1.93 24.38 -4.92
N PRO D 189 1.49 23.40 -5.71
CA PRO D 189 0.42 23.68 -6.69
C PRO D 189 -0.86 24.20 -6.06
N TYR D 190 -1.40 23.50 -5.06
CA TYR D 190 -2.60 23.96 -4.40
C TYR D 190 -2.28 25.15 -3.49
N SER D 191 -3.05 26.23 -3.64
CA SER D 191 -2.80 27.46 -2.90
C SER D 191 -4.10 28.23 -2.77
N PHE D 192 -4.01 29.39 -2.12
CA PHE D 192 -5.14 30.32 -2.09
C PHE D 192 -5.52 30.72 -3.52
N GLN D 193 -4.53 30.91 -4.39
CA GLN D 193 -4.80 31.35 -5.75
C GLN D 193 -5.49 30.26 -6.56
N SER D 194 -5.18 28.98 -6.29
CA SER D 194 -5.89 27.90 -6.97
C SER D 194 -7.34 27.85 -6.53
N ASP D 195 -7.64 28.17 -5.27
CA ASP D 195 -9.02 28.35 -4.86
C ASP D 195 -9.67 29.54 -5.56
N VAL D 196 -8.90 30.58 -5.82
CA VAL D 196 -9.44 31.77 -6.47
C VAL D 196 -9.85 31.47 -7.90
N TYR D 197 -9.03 30.67 -8.63
CA TYR D 197 -9.41 30.28 -9.98
C TYR D 197 -10.70 29.46 -9.97
N ALA D 198 -10.80 28.51 -9.04
CA ALA D 198 -12.04 27.75 -8.91
C ALA D 198 -13.23 28.67 -8.64
N TYR D 199 -13.03 29.69 -7.79
CA TYR D 199 -14.04 30.72 -7.60
C TYR D 199 -14.31 31.48 -8.89
N GLY D 200 -13.28 31.69 -9.71
CA GLY D 200 -13.49 32.37 -10.97
C GLY D 200 -14.36 31.59 -11.93
N VAL D 201 -14.20 30.27 -11.96
CA VAL D 201 -15.05 29.44 -12.80
C VAL D 201 -16.50 29.48 -12.29
N VAL D 202 -16.67 29.53 -10.97
CA VAL D 202 -18.01 29.69 -10.40
C VAL D 202 -18.61 31.02 -10.83
N LEU D 203 -17.78 32.07 -10.88
CA LEU D 203 -18.23 33.35 -11.41
C LEU D 203 -18.64 33.21 -12.87
N TYR D 204 -17.88 32.46 -13.65
CA TYR D 204 -18.23 32.23 -15.05
C TYR D 204 -19.60 31.55 -15.15
N GLU D 205 -19.88 30.60 -14.26
CA GLU D 205 -21.19 29.96 -14.27
C GLU D 205 -22.30 30.95 -13.94
N LEU D 206 -22.05 31.84 -12.97
CA LEU D 206 -23.08 32.78 -12.54
C LEU D 206 -23.34 33.83 -13.62
N MET D 207 -22.31 34.29 -14.31
CA MET D 207 -22.46 35.36 -15.28
C MET D 207 -22.81 34.86 -16.68
N THR D 208 -22.44 33.62 -17.02
CA THR D 208 -22.77 33.07 -18.33
C THR D 208 -23.90 32.05 -18.30
N GLY D 209 -24.21 31.50 -17.13
CA GLY D 209 -25.25 30.49 -17.04
C GLY D 209 -24.88 29.13 -17.60
N SER D 210 -23.60 28.92 -17.93
CA SER D 210 -23.15 27.67 -18.52
C SER D 210 -21.79 27.31 -17.93
N LEU D 211 -21.35 26.09 -18.21
CA LEU D 211 -20.08 25.57 -17.77
C LEU D 211 -18.97 25.91 -18.77
N PRO D 212 -17.73 26.01 -18.31
CA PRO D 212 -16.63 26.29 -19.24
C PRO D 212 -16.40 25.14 -20.20
N TYR D 213 -15.85 25.50 -21.36
CA TYR D 213 -15.45 24.54 -22.39
C TYR D 213 -16.61 23.61 -22.74
N SER D 214 -17.77 24.20 -23.02
CA SER D 214 -19.00 23.43 -23.13
C SER D 214 -19.22 22.89 -24.53
N HIS D 215 -18.15 22.49 -25.21
CA HIS D 215 -18.27 21.91 -26.54
C HIS D 215 -17.03 21.13 -26.92
N ILE D 216 -15.91 21.42 -26.26
CA ILE D 216 -14.68 20.66 -26.49
C ILE D 216 -14.85 19.27 -25.89
N GLY D 217 -14.77 18.25 -26.74
CA GLY D 217 -15.08 16.91 -26.30
C GLY D 217 -13.92 16.13 -25.70
N CYS D 218 -12.69 16.49 -26.07
CA CYS D 218 -11.52 15.73 -25.64
C CYS D 218 -11.10 16.19 -24.25
N ARG D 219 -11.12 15.27 -23.29
CA ARG D 219 -10.77 15.61 -21.91
C ARG D 219 -9.30 16.00 -21.79
N ASP D 220 -8.40 15.18 -22.33
CA ASP D 220 -6.98 15.46 -22.24
C ASP D 220 -6.62 16.77 -22.93
N GLN D 221 -7.30 17.08 -24.04
CA GLN D 221 -7.11 18.37 -24.69
C GLN D 221 -7.33 19.51 -23.70
N ILE D 222 -8.48 19.48 -23.01
CA ILE D 222 -8.75 20.48 -21.97
C ILE D 222 -7.63 20.49 -20.94
N ILE D 223 -7.17 19.32 -20.53
CA ILE D 223 -6.11 19.25 -19.53
C ILE D 223 -4.82 19.88 -20.06
N PHE D 224 -4.38 19.43 -21.23
CA PHE D 224 -3.14 19.96 -21.79
C PHE D 224 -3.28 21.41 -22.21
N MET D 225 -4.39 21.76 -22.88
CA MET D 225 -4.55 23.13 -23.37
C MET D 225 -4.66 24.12 -22.22
N VAL D 226 -5.57 23.87 -21.28
CA VAL D 226 -5.69 24.75 -20.11
C VAL D 226 -4.37 24.78 -19.34
N GLY D 227 -3.75 23.62 -19.15
CA GLY D 227 -2.48 23.57 -18.44
C GLY D 227 -1.38 24.36 -19.11
N ARG D 228 -1.39 24.40 -20.44
CA ARG D 228 -0.42 25.20 -21.19
C ARG D 228 -0.90 26.62 -21.44
N GLY D 229 -2.20 26.87 -21.32
CA GLY D 229 -2.77 28.19 -21.58
C GLY D 229 -3.44 28.34 -22.91
N TYR D 230 -3.54 27.26 -23.70
CA TYR D 230 -4.10 27.35 -25.04
C TYR D 230 -5.63 27.39 -25.04
N LEU D 231 -6.26 27.27 -23.87
CA LEU D 231 -7.70 27.25 -23.77
C LEU D 231 -8.11 27.89 -22.45
N SER D 232 -9.17 28.69 -22.49
CA SER D 232 -9.65 29.42 -21.35
C SER D 232 -11.16 29.56 -21.46
N PRO D 233 -11.85 29.86 -20.37
CA PRO D 233 -13.30 30.08 -20.44
C PRO D 233 -13.63 31.24 -21.37
N ASP D 234 -14.64 31.05 -22.21
CA ASP D 234 -15.01 32.00 -23.24
C ASP D 234 -15.85 33.11 -22.61
N LEU D 235 -15.22 34.25 -22.34
CA LEU D 235 -15.91 35.37 -21.70
C LEU D 235 -16.85 36.10 -22.64
N SER D 236 -16.97 35.68 -23.90
CA SER D 236 -17.95 36.27 -24.81
C SER D 236 -19.37 35.80 -24.51
N LYS D 237 -19.53 34.75 -23.72
CA LYS D 237 -20.83 34.26 -23.32
C LYS D 237 -21.38 34.96 -22.09
N ILE D 238 -20.62 35.91 -21.52
CA ILE D 238 -21.09 36.66 -20.37
C ILE D 238 -22.36 37.42 -20.73
N SER D 239 -23.35 37.36 -19.84
CA SER D 239 -24.63 37.99 -20.09
C SER D 239 -24.47 39.51 -20.26
N SER D 240 -25.46 40.10 -20.94
CA SER D 240 -25.38 41.53 -21.23
C SER D 240 -25.56 42.38 -19.97
N ASN D 241 -26.38 41.92 -19.02
CA ASN D 241 -26.63 42.68 -17.81
C ASN D 241 -25.53 42.53 -16.76
N CYS D 242 -24.44 41.84 -17.09
CA CYS D 242 -23.32 41.72 -16.17
C CYS D 242 -22.49 42.99 -16.19
N PRO D 243 -22.26 43.65 -15.06
CA PRO D 243 -21.53 44.92 -15.07
C PRO D 243 -20.07 44.71 -15.45
N LYS D 244 -19.45 45.82 -15.89
CA LYS D 244 -18.07 45.76 -16.35
C LYS D 244 -17.12 45.39 -15.23
N ALA D 245 -17.38 45.89 -14.01
CA ALA D 245 -16.52 45.55 -12.88
C ALA D 245 -16.60 44.07 -12.54
N MET D 246 -17.73 43.43 -12.84
CA MET D 246 -17.83 41.99 -12.62
C MET D 246 -17.09 41.20 -13.67
N ARG D 247 -17.02 41.71 -14.91
CA ARG D 247 -16.26 41.05 -15.95
C ARG D 247 -14.76 41.11 -15.66
N ARG D 248 -14.27 42.26 -15.18
CA ARG D 248 -12.86 42.37 -14.84
C ARG D 248 -12.50 41.49 -13.65
N LEU D 249 -13.35 41.46 -12.63
CA LEU D 249 -13.13 40.56 -11.51
C LEU D 249 -13.16 39.11 -11.95
N LEU D 250 -14.05 38.78 -12.89
CA LEU D 250 -14.11 37.43 -13.44
C LEU D 250 -12.80 37.06 -14.13
N SER D 251 -12.33 37.93 -15.04
CA SER D 251 -11.12 37.63 -15.78
C SER D 251 -9.87 37.66 -14.89
N ASP D 252 -9.86 38.53 -13.89
CA ASP D 252 -8.72 38.56 -12.97
C ASP D 252 -8.63 37.29 -12.14
N CYS D 253 -9.76 36.67 -11.80
CA CYS D 253 -9.75 35.42 -11.07
C CYS D 253 -9.40 34.23 -11.95
N LEU D 254 -9.52 34.37 -13.26
CA LEU D 254 -9.23 33.29 -14.20
C LEU D 254 -7.84 33.39 -14.81
N LYS D 255 -6.99 34.29 -14.31
CA LYS D 255 -5.70 34.52 -14.95
C LYS D 255 -4.82 33.27 -14.90
N PHE D 256 -4.04 33.09 -15.96
CA PHE D 256 -3.21 31.89 -16.07
C PHE D 256 -2.15 31.85 -14.99
N GLN D 257 -1.42 32.95 -14.80
CA GLN D 257 -0.38 33.04 -13.78
C GLN D 257 -1.03 33.28 -12.44
N ARG D 258 -0.90 32.31 -11.52
CA ARG D 258 -1.54 32.42 -10.22
C ARG D 258 -1.04 33.63 -9.44
N GLU D 259 0.15 34.12 -9.74
CA GLU D 259 0.72 35.24 -9.00
C GLU D 259 -0.07 36.53 -9.19
N GLU D 260 -0.84 36.64 -10.27
CA GLU D 260 -1.60 37.85 -10.57
C GLU D 260 -3.05 37.76 -10.15
N ARG D 261 -3.55 36.57 -9.79
CA ARG D 261 -4.92 36.45 -9.35
C ARG D 261 -5.10 37.07 -7.97
N PRO D 262 -6.16 37.85 -7.75
CA PRO D 262 -6.34 38.50 -6.47
C PRO D 262 -6.83 37.53 -5.40
N LEU D 263 -6.56 37.89 -4.15
CA LEU D 263 -7.03 37.12 -3.03
C LEU D 263 -8.41 37.63 -2.58
N PHE D 264 -9.08 36.82 -1.76
CA PHE D 264 -10.49 37.05 -1.44
C PHE D 264 -10.75 38.34 -0.66
N PRO D 265 -9.83 38.83 0.18
CA PRO D 265 -10.03 40.20 0.71
C PRO D 265 -10.18 41.24 -0.37
N GLN D 266 -9.35 41.19 -1.42
CA GLN D 266 -9.49 42.13 -2.52
C GLN D 266 -10.73 41.84 -3.36
N ILE D 267 -11.11 40.56 -3.48
CA ILE D 267 -12.32 40.20 -4.20
C ILE D 267 -13.55 40.76 -3.48
N LEU D 268 -13.57 40.65 -2.15
CA LEU D 268 -14.69 41.19 -1.38
C LEU D 268 -14.78 42.71 -1.52
N ALA D 269 -13.64 43.40 -1.47
CA ALA D 269 -13.65 44.84 -1.63
C ALA D 269 -14.12 45.25 -3.02
N THR D 270 -13.82 44.43 -4.03
CA THR D 270 -14.29 44.73 -5.38
C THR D 270 -15.80 44.52 -5.51
N ILE D 271 -16.30 43.42 -4.94
CA ILE D 271 -17.74 43.16 -5.00
C ILE D 271 -18.51 44.19 -4.17
N GLU D 272 -18.04 44.47 -2.96
CA GLU D 272 -18.67 45.49 -2.13
C GLU D 272 -18.63 46.86 -2.77
N LEU D 273 -17.67 47.12 -3.66
CA LEU D 273 -17.61 48.39 -4.36
C LEU D 273 -18.67 48.49 -5.44
N LEU D 274 -18.79 47.44 -6.27
CA LEU D 274 -19.78 47.48 -7.36
C LEU D 274 -21.19 47.34 -6.83
N GLN D 275 -21.37 46.68 -5.68
CA GLN D 275 -22.70 46.59 -5.08
C GLN D 275 -23.17 47.94 -4.57
N ARG D 276 -22.25 48.79 -4.10
CA ARG D 276 -22.63 50.03 -3.46
C ARG D 276 -23.39 50.96 -4.40
N SER D 277 -23.15 50.84 -5.71
CA SER D 277 -23.81 51.69 -6.71
C SER D 277 -24.39 50.77 -7.80
N LEU D 278 -25.45 50.05 -7.45
CA LEU D 278 -26.15 49.16 -8.37
C LEU D 278 -25.21 48.15 -9.02
C10 A1AHE E . 7.02 -4.08 18.22
C11 A1AHE E . 7.17 -4.87 17.08
C14 A1AHE E . 9.12 -2.50 15.47
C15 A1AHE E . 10.19 -3.42 15.93
C16 A1AHE E . 9.52 -1.08 15.31
C17 A1AHE E . 10.83 -0.58 15.44
C18 A1AHE E . 11.13 0.76 15.27
C19 A1AHE E . 10.13 1.70 14.97
C23 A1AHE E . 9.52 4.25 18.01
C24 A1AHE E . 9.65 5.65 17.94
C25 A1AHE E . 10.11 6.19 16.74
C26 A1AHE E . 10.42 5.32 15.68
C28 A1AHE E . 8.83 1.26 14.83
C29 A1AHE E . 8.55 -0.13 15.01
C01 A1AHE E . 8.91 -8.74 21.84
C07 A1AHE E . 7.24 -6.82 18.65
C09 A1AHE E . 6.98 -4.68 19.50
C12 A1AHE E . 7.21 -4.24 15.68
C13 A1AHE E . 7.80 -2.84 15.48
C21 A1AHE E . 10.25 3.92 15.84
C31 A1AHE E . 6.86 -1.80 15.08
C33 A1AHE E . 7.28 -6.25 17.33
F27 A1AHE E . 10.85 5.85 14.55
F34 A1AHE E . 7.44 -7.09 16.31
N02 A1AHE E . 7.48 -8.43 21.63
N06 A1AHE E . 7.35 -8.21 18.96
N08 A1AHE E . 7.09 -6.00 19.73
N22 A1AHE E . 9.81 3.40 17.01
O04 A1AHE E . 6.90 -10.35 20.25
O05 A1AHE E . 5.31 -8.49 20.41
O20 A1AHE E . 10.54 3.03 14.82
O30 A1AHE E . 7.25 -0.49 14.86
O32 A1AHE E . 5.67 -1.94 14.89
S03 A1AHE E . 6.64 -8.97 20.30
MG MG F . 15.53 -1.64 20.11
PG ANP G . 14.55 -4.94 19.49
O1G ANP G . 13.65 -5.86 20.23
O2G ANP G . 14.41 -3.49 20.07
O3G ANP G . 14.15 -4.93 17.96
PB ANP G . 17.18 -4.39 20.34
O1B ANP G . 17.85 -5.01 21.52
O2B ANP G . 16.39 -3.15 20.85
N3B ANP G . 16.15 -5.49 19.61
PA ANP G . 17.93 -2.89 18.18
O1A ANP G . 18.13 -3.48 16.83
O2A ANP G . 16.52 -2.36 18.42
O3A ANP G . 18.27 -3.93 19.32
O5' ANP G . 19.02 -1.76 18.38
C5' ANP G . 20.39 -2.11 18.72
C4' ANP G . 20.99 -0.97 19.50
O4' ANP G . 20.89 0.24 18.73
C3' ANP G . 20.29 -0.65 20.81
O3' ANP G . 20.79 -1.47 21.87
C2' ANP G . 20.64 0.82 21.03
O2' ANP G . 21.82 0.97 21.81
C1' ANP G . 20.87 1.35 19.60
N9 ANP G . 19.83 2.27 19.15
C8 ANP G . 18.59 1.96 18.64
N7 ANP G . 17.87 3.00 18.31
C5 ANP G . 18.68 4.08 18.63
C6 ANP G . 18.50 5.47 18.51
N6 ANP G . 17.38 6.03 18.04
N1 ANP G . 19.51 6.27 18.90
C2 ANP G . 20.63 5.71 19.39
N3 ANP G . 20.91 4.42 19.54
C4 ANP G . 19.90 3.65 19.14
MG MG H . 20.58 -20.06 3.08
PG ANP I . 20.46 -19.10 6.86
O1G ANP I . 20.07 -19.85 8.10
O2G ANP I . 20.64 -20.13 5.67
O3G ANP I . 21.83 -18.35 7.12
PB ANP I . 19.37 -17.47 4.89
O1B ANP I . 18.17 -16.66 4.54
O2B ANP I . 19.45 -18.70 3.95
N3B ANP I . 19.25 -17.98 6.48
PA ANP I . 21.84 -17.06 3.75
O1A ANP I . 23.13 -16.48 4.20
O2A ANP I . 21.83 -18.59 3.74
O3A ANP I . 20.65 -16.59 4.70
O5' ANP I . 21.49 -16.45 2.33
C5' ANP I . 21.45 -15.02 2.11
C4' ANP I . 20.98 -14.75 0.71
O4' ANP I . 21.84 -15.45 -0.23
C3' ANP I . 19.54 -15.19 0.39
O3' ANP I . 18.88 -14.20 -0.39
C2' ANP I . 19.74 -16.49 -0.39
O2' ANP I . 18.69 -16.72 -1.31
C1' ANP I . 21.05 -16.21 -1.12
N9 ANP I . 21.80 -17.40 -1.48
C8 ANP I . 22.41 -18.28 -0.63
N7 ANP I . 23.02 -19.28 -1.23
C5 ANP I . 22.78 -19.05 -2.57
C6 ANP I . 23.16 -19.75 -3.74
N6 ANP I . 23.88 -20.86 -3.73
N1 ANP I . 22.75 -19.23 -4.93
C2 ANP I . 22.04 -18.11 -4.94
N3 ANP I . 21.63 -17.37 -3.90
C4 ANP I . 22.04 -17.90 -2.74
C1 EDO J . 12.87 -11.85 22.51
O1 EDO J . 12.05 -11.02 21.68
C2 EDO J . 13.09 -13.20 21.85
O2 EDO J . 13.57 -14.14 22.82
C10 A1AHE K . -16.24 8.20 -26.22
C11 A1AHE K . -16.82 9.23 -25.47
C14 A1AHE K . -18.84 6.70 -24.41
C15 A1AHE K . -17.84 6.62 -23.32
C16 A1AHE K . -19.62 5.49 -24.68
C17 A1AHE K . -19.48 4.26 -24.00
C18 A1AHE K . -20.24 3.15 -24.30
C19 A1AHE K . -21.20 3.18 -25.33
C23 A1AHE K . -19.67 0.45 -27.83
C24 A1AHE K . -20.05 -0.90 -27.86
C25 A1AHE K . -21.12 -1.29 -27.07
C26 A1AHE K . -21.76 -0.31 -26.29
C28 A1AHE K . -21.37 4.37 -26.05
C29 A1AHE K . -20.57 5.49 -25.70
C01 A1AHE K . -10.56 10.03 -24.25
C07 A1AHE K . -14.62 10.37 -25.61
C09 A1AHE K . -14.90 8.32 -26.63
C12 A1AHE K . -18.28 9.14 -25.03
C13 A1AHE K . -19.03 7.83 -25.15
C21 A1AHE K . -21.32 1.03 -26.32
C31 A1AHE K . -20.00 7.74 -26.23
C33 A1AHE K . -15.97 10.31 -25.18
F27 A1AHE K . -22.80 -0.69 -25.54
F34 A1AHE K . -16.43 11.32 -24.47
N02 A1AHE K . -11.40 10.16 -25.46
N06 A1AHE K . -13.73 11.46 -25.33
N08 A1AHE K . -14.09 9.36 -26.34
N22 A1AHE K . -20.26 1.41 -27.09
O04 A1AHE K . -12.11 11.61 -27.29
O05 A1AHE K . -11.51 12.61 -25.13
O20 A1AHE K . -21.92 2.02 -25.56
O30 A1AHE K . -20.79 6.62 -26.43
O32 A1AHE K . -20.22 8.59 -27.08
S03 A1AHE K . -12.14 11.59 -25.88
C1 GOL L . -13.02 1.81 -17.88
O1 GOL L . -14.38 1.95 -18.12
C2 GOL L . -12.30 2.39 -19.12
O2 GOL L . -12.57 1.66 -20.27
C3 GOL L . -12.80 3.85 -19.23
O3 GOL L . -12.82 4.17 -20.59
C1 GOL M . -26.26 19.05 3.06
O1 GOL M . -27.22 19.66 3.85
C2 GOL M . -26.99 18.03 2.17
O2 GOL M . -28.22 18.51 1.73
C3 GOL M . -26.02 17.75 1.00
O3 GOL M . -26.71 16.97 0.07
C1 GOL N . -15.34 24.04 18.57
O1 GOL N . -15.97 23.54 17.43
C2 GOL N . -14.56 22.89 19.22
O2 GOL N . -13.64 23.33 20.15
C3 GOL N . -13.88 22.14 18.05
O3 GOL N . -13.13 21.11 18.60
#